data_8Q5B
#
_entry.id   8Q5B
#
_entity_poly.entity_id   1
_entity_poly.type   'polypeptide(L)'
_entity_poly.pdbx_seq_one_letter_code
;MKTTRKGLRDGELEKDTYGRLTCSECGESLKKKNDPDEVFSVRICADCGREWKELR
;
_entity_poly.pdbx_strand_id   A
#
# COMPACT_ATOMS: atom_id res chain seq x y z
N MET A 1 2.01 -11.53 -2.51
CA MET A 1 1.25 -10.46 -1.89
C MET A 1 0.48 -9.66 -2.94
N LYS A 2 -0.77 -9.34 -2.63
CA LYS A 2 -1.62 -8.58 -3.55
C LYS A 2 -0.91 -7.30 -3.99
N THR A 3 -1.08 -6.95 -5.27
CA THR A 3 -0.47 -5.74 -5.82
C THR A 3 -1.35 -4.52 -5.59
N THR A 4 -0.72 -3.37 -5.41
CA THR A 4 -1.45 -2.13 -5.19
C THR A 4 -2.29 -1.76 -6.41
N ARG A 5 -1.77 -2.04 -7.59
CA ARG A 5 -2.46 -1.75 -8.84
C ARG A 5 -3.89 -2.31 -8.81
N LYS A 6 -4.04 -3.47 -8.20
CA LYS A 6 -5.35 -4.12 -8.11
C LYS A 6 -6.20 -3.46 -7.03
N GLY A 7 -5.62 -3.29 -5.84
CA GLY A 7 -6.35 -2.67 -4.75
C GLY A 7 -6.91 -1.31 -5.12
N LEU A 8 -6.11 -0.52 -5.81
CA LEU A 8 -6.52 0.82 -6.22
C LEU A 8 -7.81 0.76 -7.03
N ARG A 9 -7.80 -0.02 -8.10
CA ARG A 9 -8.97 -0.18 -8.95
C ARG A 9 -10.19 -0.59 -8.14
N ASP A 10 -9.97 -1.45 -7.15
CA ASP A 10 -11.05 -1.92 -6.29
C ASP A 10 -11.58 -0.79 -5.40
N GLY A 11 -10.71 0.16 -5.08
CA GLY A 11 -11.11 1.27 -4.24
C GLY A 11 -10.66 1.12 -2.80
N GLU A 12 -9.50 0.49 -2.62
CA GLU A 12 -8.97 0.26 -1.28
C GLU A 12 -7.75 1.16 -1.03
N LEU A 13 -6.96 1.38 -2.06
CA LEU A 13 -5.78 2.21 -1.95
C LEU A 13 -5.92 3.49 -2.78
N GLU A 14 -5.11 4.50 -2.47
CA GLU A 14 -5.16 5.77 -3.18
C GLU A 14 -3.77 6.40 -3.24
N LYS A 15 -3.57 7.23 -4.26
CA LYS A 15 -2.28 7.91 -4.44
C LYS A 15 -2.31 9.31 -3.81
N ASP A 16 -1.23 9.66 -3.13
CA ASP A 16 -1.12 10.96 -2.48
C ASP A 16 -0.29 11.93 -3.33
N THR A 17 -0.09 13.13 -2.80
CA THR A 17 0.68 14.15 -3.52
C THR A 17 2.07 13.62 -3.87
N TYR A 18 2.66 12.84 -2.96
CA TYR A 18 3.98 12.29 -3.18
C TYR A 18 3.90 10.88 -3.75
N GLY A 19 2.78 10.57 -4.38
CA GLY A 19 2.60 9.25 -4.95
C GLY A 19 2.70 8.15 -3.92
N ARG A 20 2.26 8.44 -2.70
CA ARG A 20 2.32 7.46 -1.61
C ARG A 20 1.02 6.66 -1.54
N LEU A 21 1.11 5.36 -1.83
CA LEU A 21 -0.05 4.48 -1.79
C LEU A 21 -0.51 4.25 -0.36
N THR A 22 -1.68 4.80 -0.01
CA THR A 22 -2.23 4.64 1.33
C THR A 22 -3.70 4.26 1.27
N CYS A 23 -4.17 3.57 2.31
CA CYS A 23 -5.56 3.14 2.38
C CYS A 23 -6.49 4.34 2.48
N SER A 24 -7.27 4.58 1.42
CA SER A 24 -8.20 5.69 1.39
C SER A 24 -9.27 5.54 2.46
N GLU A 25 -9.39 4.33 2.99
CA GLU A 25 -10.38 4.04 4.03
C GLU A 25 -9.95 4.63 5.36
N CYS A 26 -8.64 4.60 5.62
CA CYS A 26 -8.10 5.14 6.86
C CYS A 26 -7.59 6.56 6.68
N GLY A 27 -6.97 6.81 5.53
CA GLY A 27 -6.44 8.14 5.25
C GLY A 27 -5.01 8.31 5.72
N GLU A 28 -4.64 7.59 6.77
CA GLU A 28 -3.30 7.66 7.33
C GLU A 28 -2.32 6.82 6.50
N SER A 29 -1.13 7.37 6.27
CA SER A 29 -0.11 6.66 5.51
C SER A 29 0.25 5.34 6.16
N LEU A 30 0.13 4.25 5.40
CA LEU A 30 0.44 2.92 5.90
C LEU A 30 1.93 2.81 6.25
N LYS A 31 2.26 1.83 7.08
CA LYS A 31 3.64 1.62 7.50
C LYS A 31 4.36 0.69 6.52
N LYS A 32 5.40 1.22 5.88
CA LYS A 32 6.18 0.43 4.92
C LYS A 32 7.21 -0.44 5.63
N LYS A 33 7.18 -1.73 5.35
CA LYS A 33 8.11 -2.68 5.97
C LYS A 33 9.28 -2.96 5.03
N ASN A 34 10.39 -3.43 5.60
CA ASN A 34 11.58 -3.74 4.83
C ASN A 34 11.30 -4.83 3.81
N ASP A 35 12.00 -4.78 2.68
CA ASP A 35 11.83 -5.78 1.63
C ASP A 35 13.17 -6.26 1.10
N PRO A 36 13.72 -7.31 1.74
CA PRO A 36 15.01 -7.87 1.36
C PRO A 36 14.95 -8.61 0.02
N ASP A 37 13.93 -9.45 -0.14
CA ASP A 37 13.76 -10.21 -1.38
C ASP A 37 12.97 -9.38 -2.40
N GLU A 38 12.04 -8.57 -1.92
CA GLU A 38 11.23 -7.74 -2.80
C GLU A 38 11.97 -6.47 -3.19
N VAL A 39 12.01 -6.18 -4.49
CA VAL A 39 12.68 -5.00 -5.00
C VAL A 39 11.70 -3.84 -5.18
N PHE A 40 10.73 -3.75 -4.27
CA PHE A 40 9.73 -2.69 -4.34
C PHE A 40 9.20 -2.36 -2.95
N SER A 41 8.34 -1.35 -2.88
CA SER A 41 7.75 -0.94 -1.60
C SER A 41 6.51 -1.77 -1.28
N VAL A 42 6.22 -1.90 0.00
CA VAL A 42 5.06 -2.67 0.45
C VAL A 42 4.27 -1.91 1.51
N ARG A 43 2.99 -1.68 1.23
CA ARG A 43 2.12 -0.97 2.15
C ARG A 43 1.20 -1.93 2.89
N ILE A 44 1.36 -2.02 4.20
CA ILE A 44 0.54 -2.90 5.02
C ILE A 44 -0.36 -2.10 5.96
N CYS A 45 -1.66 -2.36 5.89
CA CYS A 45 -2.63 -1.67 6.72
C CYS A 45 -2.85 -2.42 8.03
N ALA A 46 -2.28 -1.89 9.12
CA ALA A 46 -2.43 -2.50 10.43
C ALA A 46 -3.82 -2.31 10.98
N ASP A 47 -4.54 -1.33 10.45
CA ASP A 47 -5.90 -1.04 10.89
C ASP A 47 -6.91 -1.93 10.15
N CYS A 48 -6.74 -2.05 8.84
CA CYS A 48 -7.63 -2.86 8.02
C CYS A 48 -7.26 -4.34 8.12
N GLY A 49 -5.97 -4.60 8.27
CA GLY A 49 -5.49 -5.97 8.35
C GLY A 49 -5.23 -6.58 7.00
N ARG A 50 -4.46 -5.88 6.16
CA ARG A 50 -4.13 -6.36 4.83
C ARG A 50 -2.79 -5.80 4.36
N GLU A 51 -2.31 -6.31 3.23
CA GLU A 51 -1.03 -5.86 2.69
C GLU A 51 -1.15 -5.62 1.18
N TRP A 52 -0.30 -4.73 0.66
CA TRP A 52 -0.32 -4.41 -0.76
C TRP A 52 1.10 -4.14 -1.27
N LYS A 53 1.36 -4.50 -2.52
CA LYS A 53 2.67 -4.28 -3.12
C LYS A 53 2.68 -3.03 -3.98
N GLU A 54 3.47 -2.04 -3.59
CA GLU A 54 3.57 -0.79 -4.33
C GLU A 54 4.87 -0.72 -5.12
N LEU A 55 4.74 -0.62 -6.44
CA LEU A 55 5.91 -0.55 -7.32
C LEU A 55 6.42 0.89 -7.43
N ARG A 56 7.64 1.11 -6.95
CA ARG A 56 8.23 2.44 -7.00
C ARG A 56 9.07 2.62 -8.27
N MET A 1 2.21 -11.61 -1.74
CA MET A 1 2.13 -10.16 -1.66
C MET A 1 1.43 -9.59 -2.88
N LYS A 2 0.10 -9.51 -2.82
CA LYS A 2 -0.70 -8.99 -3.92
C LYS A 2 -0.18 -7.60 -4.34
N THR A 3 -0.57 -7.18 -5.54
CA THR A 3 -0.16 -5.88 -6.06
C THR A 3 -1.14 -4.79 -5.66
N THR A 4 -0.63 -3.58 -5.47
CA THR A 4 -1.46 -2.44 -5.10
C THR A 4 -2.46 -2.10 -6.19
N ARG A 5 -2.03 -2.25 -7.44
CA ARG A 5 -2.88 -1.95 -8.58
C ARG A 5 -4.22 -2.67 -8.47
N LYS A 6 -4.19 -3.89 -7.93
CA LYS A 6 -5.40 -4.68 -7.75
C LYS A 6 -6.31 -4.07 -6.69
N GLY A 7 -5.69 -3.50 -5.65
CA GLY A 7 -6.46 -2.89 -4.58
C GLY A 7 -6.97 -1.51 -4.95
N LEU A 8 -6.18 -0.78 -5.75
CA LEU A 8 -6.56 0.56 -6.17
C LEU A 8 -7.86 0.53 -6.98
N ARG A 9 -7.93 -0.39 -7.93
CA ARG A 9 -9.11 -0.53 -8.77
C ARG A 9 -10.33 -0.89 -7.95
N ASP A 10 -10.13 -1.75 -6.95
CA ASP A 10 -11.22 -2.18 -6.08
C ASP A 10 -11.69 -1.04 -5.19
N GLY A 11 -10.78 -0.12 -4.88
CA GLY A 11 -11.12 1.01 -4.04
C GLY A 11 -10.63 0.84 -2.61
N GLU A 12 -9.49 0.18 -2.45
CA GLU A 12 -8.92 -0.06 -1.13
C GLU A 12 -7.71 0.85 -0.90
N LEU A 13 -6.93 1.08 -1.94
CA LEU A 13 -5.75 1.93 -1.85
C LEU A 13 -5.93 3.20 -2.67
N GLU A 14 -5.13 4.21 -2.34
CA GLU A 14 -5.20 5.50 -3.04
C GLU A 14 -3.82 6.14 -3.14
N LYS A 15 -3.64 6.97 -4.16
CA LYS A 15 -2.37 7.66 -4.37
C LYS A 15 -2.41 9.08 -3.84
N ASP A 16 -1.34 9.50 -3.18
CA ASP A 16 -1.26 10.84 -2.62
C ASP A 16 -0.45 11.75 -3.53
N THR A 17 -0.30 13.01 -3.11
CA THR A 17 0.45 13.99 -3.88
C THR A 17 1.86 13.49 -4.18
N TYR A 18 2.44 12.77 -3.22
CA TYR A 18 3.79 12.23 -3.39
C TYR A 18 3.74 10.78 -3.85
N GLY A 19 2.64 10.39 -4.47
CA GLY A 19 2.49 9.03 -4.96
C GLY A 19 2.57 8.02 -3.85
N ARG A 20 2.08 8.38 -2.66
CA ARG A 20 2.11 7.49 -1.51
C ARG A 20 0.85 6.63 -1.46
N LEU A 21 1.03 5.32 -1.60
CA LEU A 21 -0.08 4.39 -1.57
C LEU A 21 -0.56 4.15 -0.15
N THR A 22 -1.75 4.63 0.17
CA THR A 22 -2.32 4.47 1.50
C THR A 22 -3.78 4.04 1.43
N CYS A 23 -4.24 3.34 2.46
CA CYS A 23 -5.63 2.87 2.51
C CYS A 23 -6.60 4.04 2.59
N SER A 24 -7.36 4.25 1.52
CA SER A 24 -8.33 5.34 1.47
C SER A 24 -9.40 5.17 2.53
N GLU A 25 -9.50 3.96 3.07
CA GLU A 25 -10.49 3.66 4.11
C GLU A 25 -10.08 4.27 5.44
N CYS A 26 -8.78 4.29 5.70
CA CYS A 26 -8.25 4.83 6.95
C CYS A 26 -7.80 6.28 6.75
N GLY A 27 -7.18 6.55 5.61
CA GLY A 27 -6.71 7.90 5.33
C GLY A 27 -5.28 8.12 5.81
N GLU A 28 -4.90 7.42 6.86
CA GLU A 28 -3.56 7.55 7.42
C GLU A 28 -2.56 6.70 6.64
N SER A 29 -1.37 7.25 6.43
CA SER A 29 -0.32 6.54 5.70
C SER A 29 0.03 5.23 6.39
N LEU A 30 -0.03 4.14 5.63
CA LEU A 30 0.30 2.82 6.17
C LEU A 30 1.75 2.74 6.62
N LYS A 31 2.06 1.77 7.46
CA LYS A 31 3.41 1.59 7.96
C LYS A 31 4.24 0.74 7.00
N LYS A 32 5.22 1.38 6.37
CA LYS A 32 6.09 0.68 5.42
C LYS A 32 7.21 -0.05 6.15
N LYS A 33 7.15 -1.38 6.15
CA LYS A 33 8.16 -2.19 6.80
C LYS A 33 9.34 -2.46 5.87
N ASN A 34 10.47 -2.88 6.44
CA ASN A 34 11.66 -3.16 5.66
C ASN A 34 11.54 -4.50 4.95
N ASP A 35 11.82 -4.50 3.65
CA ASP A 35 11.75 -5.72 2.85
C ASP A 35 12.96 -5.85 1.94
N PRO A 36 14.03 -6.48 2.46
CA PRO A 36 15.27 -6.68 1.70
C PRO A 36 15.10 -7.68 0.57
N ASP A 37 14.25 -8.68 0.79
CA ASP A 37 14.00 -9.71 -0.21
C ASP A 37 13.24 -9.14 -1.40
N GLU A 38 12.37 -8.17 -1.13
CA GLU A 38 11.58 -7.54 -2.18
C GLU A 38 12.27 -6.28 -2.70
N VAL A 39 12.29 -6.12 -4.01
CA VAL A 39 12.91 -4.96 -4.64
C VAL A 39 11.88 -3.86 -4.92
N PHE A 40 10.90 -3.74 -4.03
CA PHE A 40 9.85 -2.74 -4.19
C PHE A 40 9.29 -2.33 -2.83
N SER A 41 8.38 -1.37 -2.83
CA SER A 41 7.75 -0.88 -1.61
C SER A 41 6.56 -1.74 -1.23
N VAL A 42 6.28 -1.82 0.07
CA VAL A 42 5.16 -2.60 0.56
C VAL A 42 4.33 -1.81 1.57
N ARG A 43 3.01 -1.82 1.37
CA ARG A 43 2.11 -1.10 2.27
C ARG A 43 1.21 -2.07 3.03
N ILE A 44 1.37 -2.08 4.36
CA ILE A 44 0.57 -2.96 5.21
C ILE A 44 -0.38 -2.16 6.09
N CYS A 45 -1.65 -2.56 6.09
CA CYS A 45 -2.66 -1.89 6.90
C CYS A 45 -2.91 -2.64 8.20
N ALA A 46 -2.40 -2.08 9.30
CA ALA A 46 -2.57 -2.69 10.62
C ALA A 46 -4.00 -2.53 11.11
N ASP A 47 -4.73 -1.59 10.53
CA ASP A 47 -6.11 -1.34 10.92
C ASP A 47 -7.05 -2.27 10.16
N CYS A 48 -6.83 -2.40 8.86
CA CYS A 48 -7.66 -3.26 8.03
C CYS A 48 -7.26 -4.71 8.16
N GLY A 49 -5.96 -4.94 8.37
CA GLY A 49 -5.46 -6.30 8.50
C GLY A 49 -5.12 -6.93 7.17
N ARG A 50 -4.34 -6.22 6.35
CA ARG A 50 -3.95 -6.72 5.04
C ARG A 50 -2.66 -6.05 4.57
N GLU A 51 -2.12 -6.53 3.45
CA GLU A 51 -0.89 -5.98 2.90
C GLU A 51 -0.99 -5.83 1.39
N TRP A 52 -0.19 -4.94 0.83
CA TRP A 52 -0.19 -4.69 -0.61
C TRP A 52 1.21 -4.35 -1.11
N LYS A 53 1.47 -4.67 -2.37
CA LYS A 53 2.78 -4.41 -2.97
C LYS A 53 2.74 -3.15 -3.83
N GLU A 54 3.50 -2.14 -3.44
CA GLU A 54 3.55 -0.89 -4.17
C GLU A 54 4.84 -0.77 -4.98
N LEU A 55 4.70 -0.60 -6.29
CA LEU A 55 5.85 -0.49 -7.18
C LEU A 55 6.32 0.96 -7.27
N ARG A 56 7.64 1.14 -7.36
CA ARG A 56 8.22 2.47 -7.45
C ARG A 56 8.41 2.88 -8.91
N MET A 1 1.95 -11.76 -2.91
CA MET A 1 1.24 -10.74 -2.15
C MET A 1 0.44 -9.82 -3.08
N LYS A 2 -0.75 -9.44 -2.65
CA LYS A 2 -1.61 -8.57 -3.45
C LYS A 2 -0.88 -7.28 -3.81
N THR A 3 -1.00 -6.87 -5.07
CA THR A 3 -0.36 -5.66 -5.54
C THR A 3 -1.24 -4.44 -5.31
N THR A 4 -0.62 -3.30 -5.02
CA THR A 4 -1.35 -2.07 -4.78
C THR A 4 -2.18 -1.67 -5.99
N ARG A 5 -1.64 -1.94 -7.18
CA ARG A 5 -2.33 -1.61 -8.42
C ARG A 5 -3.74 -2.17 -8.43
N LYS A 6 -3.86 -3.46 -8.09
CA LYS A 6 -5.17 -4.12 -8.05
C LYS A 6 -6.04 -3.53 -6.94
N GLY A 7 -5.45 -3.29 -5.79
CA GLY A 7 -6.19 -2.72 -4.68
C GLY A 7 -6.75 -1.35 -4.98
N LEU A 8 -5.98 -0.56 -5.74
CA LEU A 8 -6.41 0.78 -6.11
C LEU A 8 -7.70 0.75 -6.92
N ARG A 9 -7.66 0.05 -8.05
CA ARG A 9 -8.82 -0.06 -8.93
C ARG A 9 -10.03 -0.57 -8.14
N ASP A 10 -9.79 -1.46 -7.20
CA ASP A 10 -10.87 -2.01 -6.38
C ASP A 10 -11.44 -0.96 -5.45
N GLY A 11 -10.61 0.00 -5.07
CA GLY A 11 -11.06 1.06 -4.18
C GLY A 11 -10.59 0.85 -2.75
N GLU A 12 -9.41 0.28 -2.59
CA GLU A 12 -8.86 0.01 -1.26
C GLU A 12 -7.68 0.94 -0.98
N LEU A 13 -6.89 1.21 -2.01
CA LEU A 13 -5.72 2.09 -1.87
C LEU A 13 -5.88 3.35 -2.72
N GLU A 14 -5.06 4.34 -2.44
CA GLU A 14 -5.10 5.60 -3.19
C GLU A 14 -3.71 6.22 -3.30
N LYS A 15 -3.50 6.98 -4.36
CA LYS A 15 -2.22 7.63 -4.60
C LYS A 15 -2.22 9.07 -4.07
N ASP A 16 -1.11 9.50 -3.48
CA ASP A 16 -1.00 10.85 -2.95
C ASP A 16 -0.37 11.78 -3.97
N THR A 17 -0.19 13.04 -3.59
CA THR A 17 0.40 14.04 -4.47
C THR A 17 1.78 13.60 -4.95
N TYR A 18 2.52 12.93 -4.07
CA TYR A 18 3.86 12.46 -4.39
C TYR A 18 3.83 11.01 -4.88
N GLY A 19 2.75 10.32 -4.54
CA GLY A 19 2.61 8.92 -4.95
C GLY A 19 2.66 7.97 -3.78
N ARG A 20 2.14 8.40 -2.64
CA ARG A 20 2.13 7.58 -1.43
C ARG A 20 0.89 6.70 -1.39
N LEU A 21 1.07 5.42 -1.69
CA LEU A 21 -0.03 4.47 -1.68
C LEU A 21 -0.52 4.20 -0.26
N THR A 22 -1.73 4.68 0.04
CA THR A 22 -2.31 4.50 1.37
C THR A 22 -3.78 4.12 1.26
N CYS A 23 -4.26 3.40 2.28
CA CYS A 23 -5.66 2.98 2.31
C CYS A 23 -6.60 4.18 2.41
N SER A 24 -7.37 4.40 1.35
CA SER A 24 -8.31 5.52 1.32
C SER A 24 -9.38 5.36 2.40
N GLU A 25 -9.51 4.15 2.92
CA GLU A 25 -10.50 3.87 3.96
C GLU A 25 -10.07 4.45 5.30
N CYS A 26 -8.76 4.43 5.56
CA CYS A 26 -8.22 4.95 6.80
C CYS A 26 -7.71 6.38 6.62
N GLY A 27 -7.08 6.63 5.48
CA GLY A 27 -6.55 7.96 5.20
C GLY A 27 -5.13 8.13 5.68
N GLU A 28 -4.77 7.40 6.74
CA GLU A 28 -3.42 7.48 7.30
C GLU A 28 -2.45 6.62 6.50
N SER A 29 -1.26 7.17 6.22
CA SER A 29 -0.24 6.45 5.46
C SER A 29 0.14 5.15 6.17
N LEU A 30 0.05 4.04 5.44
CA LEU A 30 0.39 2.73 5.99
C LEU A 30 1.88 2.67 6.35
N LYS A 31 2.23 1.73 7.22
CA LYS A 31 3.61 1.56 7.65
C LYS A 31 4.36 0.63 6.70
N LYS A 32 5.39 1.15 6.04
CA LYS A 32 6.19 0.36 5.12
C LYS A 32 7.24 -0.45 5.86
N LYS A 33 7.12 -1.78 5.80
CA LYS A 33 8.06 -2.66 6.47
C LYS A 33 9.25 -2.95 5.57
N ASN A 34 10.37 -3.31 6.19
CA ASN A 34 11.59 -3.63 5.44
C ASN A 34 11.44 -4.95 4.69
N ASP A 35 11.75 -4.92 3.39
CA ASP A 35 11.66 -6.11 2.56
C ASP A 35 12.89 -6.25 1.67
N PRO A 36 13.92 -6.92 2.19
CA PRO A 36 15.18 -7.13 1.45
C PRO A 36 15.01 -8.10 0.30
N ASP A 37 14.16 -9.11 0.49
CA ASP A 37 13.92 -10.11 -0.54
C ASP A 37 13.18 -9.48 -1.73
N GLU A 38 12.32 -8.51 -1.45
CA GLU A 38 11.56 -7.85 -2.49
C GLU A 38 12.23 -6.53 -2.91
N VAL A 39 12.26 -6.27 -4.21
CA VAL A 39 12.87 -5.06 -4.73
C VAL A 39 11.83 -3.97 -4.94
N PHE A 40 10.85 -3.91 -4.06
CA PHE A 40 9.78 -2.92 -4.15
C PHE A 40 9.23 -2.58 -2.77
N SER A 41 8.33 -1.61 -2.72
CA SER A 41 7.72 -1.19 -1.45
C SER A 41 6.53 -2.07 -1.10
N VAL A 42 6.17 -2.09 0.17
CA VAL A 42 5.04 -2.88 0.65
C VAL A 42 4.25 -2.14 1.71
N ARG A 43 3.02 -1.75 1.36
CA ARG A 43 2.16 -1.03 2.29
C ARG A 43 1.19 -1.98 2.99
N ILE A 44 1.32 -2.10 4.30
CA ILE A 44 0.45 -2.98 5.09
C ILE A 44 -0.50 -2.17 5.96
N CYS A 45 -1.78 -2.50 5.90
CA CYS A 45 -2.80 -1.81 6.69
C CYS A 45 -3.03 -2.53 8.01
N ALA A 46 -2.52 -1.96 9.09
CA ALA A 46 -2.67 -2.55 10.42
C ALA A 46 -4.10 -2.37 10.93
N ASP A 47 -4.82 -1.41 10.35
CA ASP A 47 -6.19 -1.15 10.75
C ASP A 47 -7.16 -2.07 10.01
N CYS A 48 -6.95 -2.22 8.70
CA CYS A 48 -7.80 -3.07 7.89
C CYS A 48 -7.40 -4.55 8.03
N GLY A 49 -6.11 -4.79 8.22
CA GLY A 49 -5.63 -6.14 8.38
C GLY A 49 -5.32 -6.80 7.04
N ARG A 50 -4.55 -6.11 6.21
CA ARG A 50 -4.19 -6.63 4.89
C ARG A 50 -2.90 -5.98 4.39
N GLU A 51 -2.14 -6.74 3.61
CA GLU A 51 -0.88 -6.24 3.06
C GLU A 51 -1.02 -5.93 1.57
N TRP A 52 -0.17 -5.04 1.08
CA TRP A 52 -0.19 -4.65 -0.33
C TRP A 52 1.21 -4.38 -0.85
N LYS A 53 1.42 -4.62 -2.14
CA LYS A 53 2.71 -4.40 -2.76
C LYS A 53 2.73 -3.08 -3.53
N GLU A 54 3.48 -2.11 -3.02
CA GLU A 54 3.58 -0.80 -3.66
C GLU A 54 4.78 -0.74 -4.60
N LEU A 55 4.50 -0.73 -5.90
CA LEU A 55 5.56 -0.68 -6.91
C LEU A 55 5.97 0.76 -7.20
N ARG A 56 7.21 1.09 -6.89
CA ARG A 56 7.72 2.44 -7.13
C ARG A 56 8.17 2.61 -8.57
N MET A 1 1.41 -11.83 -2.37
CA MET A 1 1.52 -10.38 -2.15
C MET A 1 0.74 -9.61 -3.22
N LYS A 2 -0.57 -9.45 -2.98
CA LYS A 2 -1.41 -8.73 -3.92
C LYS A 2 -0.83 -7.36 -4.26
N THR A 3 -0.88 -7.00 -5.55
CA THR A 3 -0.36 -5.73 -6.00
C THR A 3 -1.30 -4.58 -5.65
N THR A 4 -0.74 -3.41 -5.39
CA THR A 4 -1.54 -2.24 -5.04
C THR A 4 -2.46 -1.84 -6.18
N ARG A 5 -1.98 -2.02 -7.41
CA ARG A 5 -2.75 -1.67 -8.60
C ARG A 5 -4.14 -2.32 -8.54
N LYS A 6 -4.20 -3.53 -8.01
CA LYS A 6 -5.46 -4.26 -7.88
C LYS A 6 -6.40 -3.55 -6.92
N GLY A 7 -5.86 -3.08 -5.80
CA GLY A 7 -6.67 -2.39 -4.81
C GLY A 7 -7.08 -1.00 -5.26
N LEU A 8 -6.19 -0.35 -6.01
CA LEU A 8 -6.46 1.00 -6.50
C LEU A 8 -7.70 1.03 -7.39
N ARG A 9 -7.74 0.12 -8.36
CA ARG A 9 -8.86 0.03 -9.29
C ARG A 9 -10.15 -0.26 -8.53
N ASP A 10 -10.06 -1.13 -7.52
CA ASP A 10 -11.22 -1.50 -6.73
C ASP A 10 -11.70 -0.33 -5.88
N GLY A 11 -10.77 0.56 -5.51
CA GLY A 11 -11.12 1.72 -4.71
C GLY A 11 -10.80 1.51 -3.24
N GLU A 12 -9.74 0.75 -2.96
CA GLU A 12 -9.33 0.48 -1.58
C GLU A 12 -8.11 1.32 -1.20
N LEU A 13 -7.21 1.51 -2.15
CA LEU A 13 -6.01 2.29 -1.91
C LEU A 13 -6.02 3.59 -2.72
N GLU A 14 -5.33 4.61 -2.22
CA GLU A 14 -5.26 5.90 -2.89
C GLU A 14 -3.85 6.48 -2.80
N LYS A 15 -3.48 7.26 -3.81
CA LYS A 15 -2.16 7.89 -3.85
C LYS A 15 -2.28 9.40 -3.67
N ASP A 16 -1.28 9.99 -3.04
CA ASP A 16 -1.26 11.43 -2.80
C ASP A 16 -0.32 12.13 -3.78
N THR A 17 -0.05 13.40 -3.53
CA THR A 17 0.83 14.19 -4.38
C THR A 17 2.19 13.51 -4.53
N TYR A 18 2.64 12.86 -3.46
CA TYR A 18 3.92 12.18 -3.48
C TYR A 18 3.75 10.70 -3.82
N GLY A 19 2.66 10.37 -4.49
CA GLY A 19 2.38 9.01 -4.87
C GLY A 19 2.46 8.06 -3.69
N ARG A 20 2.05 8.54 -2.52
CA ARG A 20 2.07 7.73 -1.31
C ARG A 20 0.80 6.88 -1.20
N LEU A 21 0.87 5.64 -1.67
CA LEU A 21 -0.27 4.74 -1.63
C LEU A 21 -0.67 4.44 -0.19
N THR A 22 -1.90 4.82 0.17
CA THR A 22 -2.40 4.59 1.51
C THR A 22 -3.87 4.18 1.49
N CYS A 23 -4.29 3.45 2.51
CA CYS A 23 -5.68 2.99 2.61
C CYS A 23 -6.63 4.17 2.76
N SER A 24 -7.46 4.40 1.74
CA SER A 24 -8.41 5.50 1.76
C SER A 24 -9.43 5.31 2.88
N GLU A 25 -9.51 4.09 3.40
CA GLU A 25 -10.45 3.78 4.47
C GLU A 25 -9.98 4.36 5.80
N CYS A 26 -8.67 4.37 6.00
CA CYS A 26 -8.08 4.91 7.22
C CYS A 26 -7.61 6.35 7.03
N GLY A 27 -7.03 6.62 5.86
CA GLY A 27 -6.55 7.95 5.56
C GLY A 27 -5.10 8.15 5.98
N GLU A 28 -4.68 7.43 7.01
CA GLU A 28 -3.32 7.53 7.50
C GLU A 28 -2.37 6.65 6.68
N SER A 29 -1.20 7.19 6.37
CA SER A 29 -0.21 6.47 5.58
C SER A 29 0.18 5.17 6.27
N LEU A 30 0.07 4.06 5.54
CA LEU A 30 0.42 2.75 6.08
C LEU A 30 1.90 2.68 6.42
N LYS A 31 2.25 1.71 7.26
CA LYS A 31 3.65 1.53 7.66
C LYS A 31 4.41 0.68 6.64
N LYS A 32 5.37 1.30 5.97
CA LYS A 32 6.17 0.60 4.97
C LYS A 32 7.30 -0.19 5.63
N LYS A 33 7.22 -1.51 5.54
CA LYS A 33 8.23 -2.39 6.12
C LYS A 33 9.33 -2.68 5.12
N ASN A 34 10.47 -3.16 5.62
CA ASN A 34 11.59 -3.50 4.76
C ASN A 34 11.27 -4.69 3.86
N ASP A 35 11.90 -4.74 2.70
CA ASP A 35 11.68 -5.82 1.76
C ASP A 35 13.00 -6.32 1.17
N PRO A 36 13.62 -7.29 1.87
CA PRO A 36 14.90 -7.87 1.45
C PRO A 36 14.76 -8.72 0.19
N ASP A 37 13.78 -9.60 0.18
CA ASP A 37 13.53 -10.48 -0.96
C ASP A 37 12.78 -9.74 -2.06
N GLU A 38 11.91 -8.82 -1.66
CA GLU A 38 11.12 -8.04 -2.61
C GLU A 38 11.88 -6.80 -3.06
N VAL A 39 11.92 -6.57 -4.37
CA VAL A 39 12.61 -5.42 -4.93
C VAL A 39 11.65 -4.25 -5.13
N PHE A 40 10.68 -4.11 -4.23
CA PHE A 40 9.71 -3.04 -4.33
C PHE A 40 9.17 -2.67 -2.94
N SER A 41 8.32 -1.64 -2.90
CA SER A 41 7.74 -1.19 -1.64
C SER A 41 6.50 -2.01 -1.28
N VAL A 42 6.15 -1.99 0.00
CA VAL A 42 4.98 -2.73 0.47
C VAL A 42 4.22 -1.94 1.53
N ARG A 43 2.90 -1.86 1.35
CA ARG A 43 2.05 -1.12 2.29
C ARG A 43 1.18 -2.08 3.09
N ILE A 44 1.38 -2.09 4.40
CA ILE A 44 0.62 -2.97 5.29
C ILE A 44 -0.33 -2.16 6.18
N CYS A 45 -1.61 -2.52 6.14
CA CYS A 45 -2.61 -1.83 6.95
C CYS A 45 -2.83 -2.54 8.27
N ALA A 46 -2.31 -1.95 9.35
CA ALA A 46 -2.45 -2.52 10.68
C ALA A 46 -3.87 -2.36 11.20
N ASP A 47 -4.61 -1.43 10.61
CA ASP A 47 -5.99 -1.17 11.02
C ASP A 47 -6.95 -2.12 10.31
N CYS A 48 -6.75 -2.28 9.00
CA CYS A 48 -7.60 -3.15 8.20
C CYS A 48 -7.18 -4.61 8.35
N GLY A 49 -5.88 -4.82 8.54
CA GLY A 49 -5.37 -6.18 8.69
C GLY A 49 -5.06 -6.83 7.36
N ARG A 50 -4.29 -6.14 6.52
CA ARG A 50 -3.93 -6.66 5.20
C ARG A 50 -2.63 -6.02 4.72
N GLU A 51 -2.17 -6.48 3.56
CA GLU A 51 -0.93 -5.96 2.97
C GLU A 51 -1.08 -5.76 1.47
N TRP A 52 -0.23 -4.92 0.91
CA TRP A 52 -0.26 -4.63 -0.53
C TRP A 52 1.15 -4.42 -1.07
N LYS A 53 1.33 -4.72 -2.35
CA LYS A 53 2.62 -4.56 -3.00
C LYS A 53 2.66 -3.28 -3.83
N GLU A 54 3.46 -2.32 -3.39
CA GLU A 54 3.58 -1.05 -4.10
C GLU A 54 4.80 -1.06 -5.03
N LEU A 55 4.53 -1.06 -6.33
CA LEU A 55 5.59 -1.07 -7.33
C LEU A 55 6.10 0.34 -7.61
N ARG A 56 7.41 0.48 -7.76
CA ARG A 56 8.01 1.79 -8.03
C ARG A 56 8.17 2.01 -9.53
N MET A 1 0.79 -11.54 -1.24
CA MET A 1 1.44 -10.29 -1.65
C MET A 1 0.69 -9.65 -2.80
N LYS A 2 -0.61 -9.44 -2.62
CA LYS A 2 -1.44 -8.82 -3.65
C LYS A 2 -0.83 -7.51 -4.13
N THR A 3 -0.94 -7.26 -5.44
CA THR A 3 -0.40 -6.04 -6.03
C THR A 3 -1.29 -4.83 -5.72
N THR A 4 -0.66 -3.68 -5.54
CA THR A 4 -1.39 -2.46 -5.24
C THR A 4 -2.30 -2.07 -6.39
N ARG A 5 -1.85 -2.31 -7.61
CA ARG A 5 -2.63 -1.99 -8.81
C ARG A 5 -4.03 -2.59 -8.71
N LYS A 6 -4.13 -3.78 -8.13
CA LYS A 6 -5.42 -4.45 -7.97
C LYS A 6 -6.26 -3.76 -6.90
N GLY A 7 -5.62 -3.36 -5.81
CA GLY A 7 -6.32 -2.70 -4.73
C GLY A 7 -6.85 -1.33 -5.13
N LEU A 8 -6.03 -0.57 -5.85
CA LEU A 8 -6.41 0.77 -6.30
C LEU A 8 -7.70 0.71 -7.10
N ARG A 9 -7.70 -0.10 -8.16
CA ARG A 9 -8.87 -0.23 -9.02
C ARG A 9 -10.07 -0.73 -8.22
N ASP A 10 -9.81 -1.63 -7.27
CA ASP A 10 -10.87 -2.19 -6.44
C ASP A 10 -11.45 -1.13 -5.50
N GLY A 11 -10.61 -0.15 -5.13
CA GLY A 11 -11.05 0.90 -4.24
C GLY A 11 -10.56 0.70 -2.82
N GLU A 12 -9.37 0.12 -2.67
CA GLU A 12 -8.80 -0.13 -1.36
C GLU A 12 -7.65 0.82 -1.07
N LEU A 13 -6.88 1.13 -2.12
CA LEU A 13 -5.74 2.03 -1.98
C LEU A 13 -5.97 3.32 -2.76
N GLU A 14 -5.16 4.34 -2.47
CA GLU A 14 -5.27 5.63 -3.15
C GLU A 14 -3.92 6.30 -3.28
N LYS A 15 -3.84 7.32 -4.12
CA LYS A 15 -2.60 8.05 -4.33
C LYS A 15 -2.58 9.34 -3.51
N ASP A 16 -1.49 9.55 -2.78
CA ASP A 16 -1.35 10.74 -1.94
C ASP A 16 -0.71 11.88 -2.73
N THR A 17 -0.55 13.02 -2.08
CA THR A 17 0.06 14.19 -2.72
C THR A 17 1.42 13.86 -3.30
N TYR A 18 2.17 13.02 -2.58
CA TYR A 18 3.51 12.63 -3.03
C TYR A 18 3.47 11.24 -3.68
N GLY A 19 2.30 10.85 -4.16
CA GLY A 19 2.16 9.55 -4.81
C GLY A 19 2.39 8.41 -3.84
N ARG A 20 2.00 8.61 -2.58
CA ARG A 20 2.17 7.58 -1.56
C ARG A 20 0.93 6.68 -1.49
N LEU A 21 1.12 5.40 -1.80
CA LEU A 21 0.02 4.45 -1.77
C LEU A 21 -0.45 4.20 -0.34
N THR A 22 -1.66 4.67 -0.03
CA THR A 22 -2.22 4.51 1.30
C THR A 22 -3.68 4.07 1.23
N CYS A 23 -4.13 3.36 2.26
CA CYS A 23 -5.51 2.89 2.31
C CYS A 23 -6.49 4.05 2.39
N SER A 24 -7.27 4.24 1.33
CA SER A 24 -8.24 5.34 1.28
C SER A 24 -9.32 5.14 2.34
N GLU A 25 -9.40 3.93 2.88
CA GLU A 25 -10.39 3.62 3.90
C GLU A 25 -9.99 4.23 5.25
N CYS A 26 -8.70 4.25 5.52
CA CYS A 26 -8.19 4.80 6.77
C CYS A 26 -7.73 6.25 6.57
N GLY A 27 -7.09 6.51 5.44
CA GLY A 27 -6.61 7.85 5.15
C GLY A 27 -5.18 8.07 5.65
N GLU A 28 -4.82 7.36 6.71
CA GLU A 28 -3.48 7.49 7.28
C GLU A 28 -2.47 6.69 6.48
N SER A 29 -1.29 7.27 6.26
CA SER A 29 -0.24 6.61 5.49
C SER A 29 0.16 5.30 6.16
N LEU A 30 0.10 4.20 5.39
CA LEU A 30 0.46 2.89 5.91
C LEU A 30 1.94 2.83 6.28
N LYS A 31 2.30 1.87 7.12
CA LYS A 31 3.68 1.70 7.55
C LYS A 31 4.46 0.81 6.58
N LYS A 32 5.50 1.36 5.98
CA LYS A 32 6.32 0.62 5.04
C LYS A 32 7.40 -0.17 5.76
N LYS A 33 7.30 -1.50 5.68
CA LYS A 33 8.27 -2.37 6.33
C LYS A 33 9.52 -2.55 5.46
N ASN A 34 10.60 -2.98 6.07
CA ASN A 34 11.86 -3.20 5.36
C ASN A 34 11.90 -4.59 4.72
N ASP A 35 11.62 -4.65 3.43
CA ASP A 35 11.62 -5.91 2.70
C ASP A 35 12.83 -6.00 1.77
N PRO A 36 13.95 -6.51 2.29
CA PRO A 36 15.19 -6.65 1.52
C PRO A 36 15.08 -7.74 0.45
N ASP A 37 14.31 -8.78 0.74
CA ASP A 37 14.12 -9.87 -0.20
C ASP A 37 13.39 -9.40 -1.45
N GLU A 38 12.49 -8.44 -1.28
CA GLU A 38 11.73 -7.90 -2.39
C GLU A 38 12.36 -6.61 -2.92
N VAL A 39 12.37 -6.46 -4.24
CA VAL A 39 12.95 -5.28 -4.87
C VAL A 39 11.88 -4.23 -5.16
N PHE A 40 10.91 -4.13 -4.26
CA PHE A 40 9.82 -3.16 -4.42
C PHE A 40 9.26 -2.74 -3.07
N SER A 41 8.36 -1.76 -3.09
CA SER A 41 7.75 -1.26 -1.86
C SER A 41 6.55 -2.10 -1.47
N VAL A 42 6.22 -2.09 -0.18
CA VAL A 42 5.09 -2.86 0.34
C VAL A 42 4.34 -2.07 1.41
N ARG A 43 3.05 -1.86 1.17
CA ARG A 43 2.21 -1.12 2.12
C ARG A 43 1.29 -2.07 2.88
N ILE A 44 1.46 -2.10 4.20
CA ILE A 44 0.64 -2.97 5.04
C ILE A 44 -0.29 -2.15 5.93
N CYS A 45 -1.56 -2.50 5.91
CA CYS A 45 -2.56 -1.80 6.71
C CYS A 45 -2.75 -2.49 8.06
N ALA A 46 -2.23 -1.87 9.11
CA ALA A 46 -2.34 -2.43 10.45
C ALA A 46 -3.75 -2.26 11.00
N ASP A 47 -4.50 -1.33 10.42
CA ASP A 47 -5.87 -1.06 10.84
C ASP A 47 -6.85 -2.01 10.14
N CYS A 48 -6.67 -2.18 8.84
CA CYS A 48 -7.54 -3.05 8.06
C CYS A 48 -7.12 -4.51 8.22
N GLY A 49 -5.82 -4.73 8.38
CA GLY A 49 -5.30 -6.08 8.53
C GLY A 49 -5.02 -6.75 7.20
N ARG A 50 -4.27 -6.07 6.35
CA ARG A 50 -3.93 -6.59 5.03
C ARG A 50 -2.61 -6.01 4.53
N GLU A 51 -2.11 -6.54 3.42
CA GLU A 51 -0.85 -6.08 2.85
C GLU A 51 -0.99 -5.87 1.34
N TRP A 52 -0.16 -4.99 0.80
CA TRP A 52 -0.19 -4.70 -0.64
C TRP A 52 1.20 -4.42 -1.16
N LYS A 53 1.44 -4.76 -2.43
CA LYS A 53 2.74 -4.54 -3.05
C LYS A 53 2.72 -3.31 -3.93
N GLU A 54 3.52 -2.31 -3.56
CA GLU A 54 3.59 -1.07 -4.33
C GLU A 54 4.85 -1.04 -5.20
N LEU A 55 4.66 -0.92 -6.51
CA LEU A 55 5.77 -0.88 -7.44
C LEU A 55 6.32 0.54 -7.57
N ARG A 56 7.58 0.73 -7.15
CA ARG A 56 8.21 2.03 -7.23
C ARG A 56 8.78 2.29 -8.61
N MET A 1 1.05 -12.04 -1.29
CA MET A 1 1.28 -10.60 -1.31
C MET A 1 0.57 -9.95 -2.51
N LYS A 2 -0.56 -9.33 -2.25
CA LYS A 2 -1.34 -8.67 -3.30
C LYS A 2 -0.64 -7.40 -3.77
N THR A 3 -0.85 -7.05 -5.04
CA THR A 3 -0.24 -5.86 -5.61
C THR A 3 -1.15 -4.65 -5.44
N THR A 4 -0.54 -3.47 -5.34
CA THR A 4 -1.29 -2.23 -5.18
C THR A 4 -2.15 -1.95 -6.39
N ARG A 5 -1.64 -2.28 -7.57
CA ARG A 5 -2.38 -2.06 -8.81
C ARG A 5 -3.77 -2.64 -8.73
N LYS A 6 -3.90 -3.78 -8.06
CA LYS A 6 -5.19 -4.45 -7.90
C LYS A 6 -6.02 -3.79 -6.81
N GLY A 7 -5.34 -3.35 -5.75
CA GLY A 7 -6.02 -2.71 -4.64
C GLY A 7 -6.63 -1.38 -5.03
N LEU A 8 -5.84 -0.55 -5.71
CA LEU A 8 -6.31 0.76 -6.14
C LEU A 8 -7.58 0.64 -6.98
N ARG A 9 -7.50 -0.13 -8.06
CA ARG A 9 -8.64 -0.32 -8.94
C ARG A 9 -9.86 -0.80 -8.15
N ASP A 10 -9.62 -1.67 -7.18
CA ASP A 10 -10.70 -2.21 -6.36
C ASP A 10 -11.27 -1.12 -5.45
N GLY A 11 -10.45 -0.16 -5.09
CA GLY A 11 -10.89 0.91 -4.23
C GLY A 11 -10.43 0.75 -2.79
N GLU A 12 -9.25 0.17 -2.61
CA GLU A 12 -8.70 -0.06 -1.28
C GLU A 12 -7.54 0.88 -1.00
N LEU A 13 -6.75 1.16 -2.03
CA LEU A 13 -5.61 2.05 -1.90
C LEU A 13 -5.82 3.35 -2.70
N GLU A 14 -5.06 4.38 -2.34
CA GLU A 14 -5.17 5.67 -3.02
C GLU A 14 -3.81 6.35 -3.13
N LYS A 15 -3.63 7.16 -4.16
CA LYS A 15 -2.38 7.88 -4.38
C LYS A 15 -2.42 9.24 -3.71
N ASP A 16 -1.34 9.60 -3.03
CA ASP A 16 -1.24 10.89 -2.35
C ASP A 16 -0.51 11.90 -3.22
N THR A 17 -0.38 13.12 -2.71
CA THR A 17 0.30 14.19 -3.44
C THR A 17 1.70 13.76 -3.85
N TYR A 18 2.35 13.00 -3.00
CA TYR A 18 3.70 12.52 -3.27
C TYR A 18 3.69 11.07 -3.77
N GLY A 19 2.55 10.66 -4.32
CA GLY A 19 2.43 9.31 -4.82
C GLY A 19 2.54 8.27 -3.73
N ARG A 20 2.05 8.60 -2.55
CA ARG A 20 2.10 7.68 -1.40
C ARG A 20 0.88 6.79 -1.38
N LEU A 21 1.09 5.49 -1.56
CA LEU A 21 0.01 4.51 -1.56
C LEU A 21 -0.47 4.24 -0.14
N THR A 22 -1.69 4.65 0.16
CA THR A 22 -2.26 4.45 1.49
C THR A 22 -3.72 4.02 1.40
N CYS A 23 -4.18 3.29 2.41
CA CYS A 23 -5.56 2.81 2.44
C CYS A 23 -6.53 3.97 2.56
N SER A 24 -7.32 4.19 1.50
CA SER A 24 -8.29 5.27 1.49
C SER A 24 -9.36 5.07 2.56
N GLU A 25 -9.43 3.85 3.08
CA GLU A 25 -10.41 3.52 4.12
C GLU A 25 -9.99 4.11 5.46
N CYS A 26 -8.69 4.14 5.71
CA CYS A 26 -8.16 4.68 6.95
C CYS A 26 -7.70 6.12 6.78
N GLY A 27 -7.08 6.40 5.64
CA GLY A 27 -6.60 7.74 5.36
C GLY A 27 -5.17 7.96 5.84
N GLU A 28 -4.80 7.24 6.89
CA GLU A 28 -3.45 7.35 7.44
C GLU A 28 -2.45 6.53 6.63
N SER A 29 -1.29 7.12 6.35
CA SER A 29 -0.25 6.43 5.60
C SER A 29 0.18 5.14 6.29
N LEU A 30 0.10 4.04 5.56
CA LEU A 30 0.48 2.74 6.12
C LEU A 30 1.97 2.71 6.44
N LYS A 31 2.36 1.77 7.31
CA LYS A 31 3.76 1.64 7.71
C LYS A 31 4.51 0.71 6.75
N LYS A 32 5.56 1.24 6.12
CA LYS A 32 6.36 0.47 5.19
C LYS A 32 7.39 -0.38 5.92
N LYS A 33 7.28 -1.69 5.79
CA LYS A 33 8.20 -2.62 6.43
C LYS A 33 9.47 -2.80 5.59
N ASN A 34 10.53 -3.29 6.23
CA ASN A 34 11.79 -3.51 5.54
C ASN A 34 11.77 -4.84 4.77
N ASP A 35 11.54 -4.75 3.47
CA ASP A 35 11.51 -5.95 2.62
C ASP A 35 12.75 -6.03 1.74
N PRO A 36 13.81 -6.66 2.25
CA PRO A 36 15.06 -6.83 1.52
C PRO A 36 14.94 -7.80 0.35
N ASP A 37 14.13 -8.84 0.53
CA ASP A 37 13.92 -9.83 -0.51
C ASP A 37 13.22 -9.21 -1.71
N GLU A 38 12.35 -8.24 -1.45
CA GLU A 38 11.61 -7.57 -2.52
C GLU A 38 12.31 -6.29 -2.93
N VAL A 39 12.36 -6.04 -4.24
CA VAL A 39 12.99 -4.84 -4.77
C VAL A 39 11.97 -3.74 -5.03
N PHE A 40 10.97 -3.66 -4.16
CA PHE A 40 9.93 -2.65 -4.30
C PHE A 40 9.36 -2.28 -2.93
N SER A 41 8.44 -1.31 -2.92
CA SER A 41 7.82 -0.86 -1.68
C SER A 41 6.61 -1.73 -1.33
N VAL A 42 6.27 -1.76 -0.05
CA VAL A 42 5.15 -2.55 0.43
C VAL A 42 4.40 -1.82 1.54
N ARG A 43 3.09 -1.65 1.34
CA ARG A 43 2.26 -0.97 2.33
C ARG A 43 1.36 -1.97 3.07
N ILE A 44 1.52 -2.03 4.38
CA ILE A 44 0.73 -2.95 5.20
C ILE A 44 -0.26 -2.18 6.07
N CYS A 45 -1.54 -2.53 5.97
CA CYS A 45 -2.58 -1.88 6.76
C CYS A 45 -2.79 -2.59 8.08
N ALA A 46 -2.30 -1.99 9.16
CA ALA A 46 -2.43 -2.57 10.49
C ALA A 46 -3.87 -2.46 11.00
N ASP A 47 -4.63 -1.54 10.40
CA ASP A 47 -6.02 -1.32 10.80
C ASP A 47 -6.94 -2.29 10.06
N CYS A 48 -6.74 -2.43 8.77
CA CYS A 48 -7.55 -3.32 7.94
C CYS A 48 -7.09 -4.76 8.08
N GLY A 49 -5.78 -4.94 8.27
CA GLY A 49 -5.23 -6.27 8.41
C GLY A 49 -4.89 -6.91 7.08
N ARG A 50 -4.14 -6.17 6.25
CA ARG A 50 -3.76 -6.67 4.94
C ARG A 50 -2.45 -6.01 4.48
N GLU A 51 -1.96 -6.44 3.32
CA GLU A 51 -0.72 -5.91 2.77
C GLU A 51 -0.85 -5.68 1.27
N TRP A 52 -0.04 -4.77 0.74
CA TRP A 52 -0.05 -4.46 -0.69
C TRP A 52 1.35 -4.14 -1.19
N LYS A 53 1.61 -4.48 -2.45
CA LYS A 53 2.91 -4.22 -3.06
C LYS A 53 2.87 -2.96 -3.92
N GLU A 54 3.64 -1.95 -3.54
CA GLU A 54 3.69 -0.70 -4.27
C GLU A 54 4.96 -0.61 -5.11
N LEU A 55 4.80 -0.53 -6.42
CA LEU A 55 5.94 -0.44 -7.33
C LEU A 55 6.37 1.01 -7.52
N ARG A 56 7.61 1.30 -7.13
CA ARG A 56 8.15 2.65 -7.26
C ARG A 56 8.60 2.93 -8.69
N MET A 1 1.55 -12.08 -5.38
CA MET A 1 1.50 -11.18 -4.24
C MET A 1 0.54 -10.02 -4.49
N LYS A 2 -0.27 -9.70 -3.49
CA LYS A 2 -1.24 -8.62 -3.61
C LYS A 2 -0.54 -7.32 -4.03
N THR A 3 -0.66 -6.97 -5.30
CA THR A 3 -0.05 -5.76 -5.84
C THR A 3 -0.96 -4.56 -5.64
N THR A 4 -0.37 -3.40 -5.36
CA THR A 4 -1.12 -2.18 -5.15
C THR A 4 -2.03 -1.89 -6.34
N ARG A 5 -1.57 -2.23 -7.53
CA ARG A 5 -2.34 -2.00 -8.75
C ARG A 5 -3.74 -2.58 -8.61
N LYS A 6 -3.85 -3.70 -7.93
CA LYS A 6 -5.14 -4.36 -7.72
C LYS A 6 -5.92 -3.68 -6.60
N GLY A 7 -5.26 -3.48 -5.46
CA GLY A 7 -5.90 -2.85 -4.33
C GLY A 7 -6.50 -1.50 -4.68
N LEU A 8 -5.86 -0.78 -5.60
CA LEU A 8 -6.32 0.53 -6.02
C LEU A 8 -7.63 0.40 -6.80
N ARG A 9 -7.61 -0.37 -7.88
CA ARG A 9 -8.78 -0.56 -8.71
C ARG A 9 -9.97 -1.04 -7.88
N ASP A 10 -9.68 -1.87 -6.87
CA ASP A 10 -10.71 -2.40 -5.99
C ASP A 10 -11.31 -1.30 -5.13
N GLY A 11 -10.49 -0.28 -4.83
CA GLY A 11 -10.96 0.82 -4.00
C GLY A 11 -10.46 0.73 -2.58
N GLU A 12 -9.25 0.20 -2.41
CA GLU A 12 -8.66 0.04 -1.09
C GLU A 12 -7.50 1.02 -0.89
N LEU A 13 -6.75 1.26 -1.97
CA LEU A 13 -5.61 2.16 -1.92
C LEU A 13 -5.87 3.41 -2.76
N GLU A 14 -5.08 4.45 -2.53
CA GLU A 14 -5.23 5.70 -3.27
C GLU A 14 -3.88 6.38 -3.46
N LYS A 15 -3.83 7.36 -4.37
CA LYS A 15 -2.61 8.08 -4.64
C LYS A 15 -2.56 9.40 -3.87
N ASP A 16 -1.43 9.66 -3.23
CA ASP A 16 -1.26 10.88 -2.45
C ASP A 16 -0.59 11.97 -3.29
N THR A 17 -0.39 13.14 -2.69
CA THR A 17 0.23 14.26 -3.38
C THR A 17 1.58 13.87 -3.97
N TYR A 18 2.32 13.03 -3.25
CA TYR A 18 3.62 12.57 -3.70
C TYR A 18 3.54 11.16 -4.27
N GLY A 19 2.34 10.77 -4.71
CA GLY A 19 2.15 9.44 -5.27
C GLY A 19 2.35 8.35 -4.25
N ARG A 20 1.99 8.63 -3.01
CA ARG A 20 2.13 7.66 -1.92
C ARG A 20 0.88 6.79 -1.80
N LEU A 21 1.06 5.48 -1.93
CA LEU A 21 -0.05 4.55 -1.85
C LEU A 21 -0.46 4.33 -0.39
N THR A 22 -1.67 4.76 -0.05
CA THR A 22 -2.19 4.62 1.30
C THR A 22 -3.66 4.22 1.29
N CYS A 23 -4.09 3.54 2.35
CA CYS A 23 -5.48 3.10 2.46
C CYS A 23 -6.42 4.29 2.57
N SER A 24 -7.23 4.50 1.54
CA SER A 24 -8.17 5.61 1.52
C SER A 24 -9.20 5.47 2.64
N GLU A 25 -9.30 4.27 3.20
CA GLU A 25 -10.24 4.00 4.27
C GLU A 25 -9.76 4.61 5.58
N CYS A 26 -8.45 4.59 5.80
CA CYS A 26 -7.86 5.14 7.00
C CYS A 26 -7.38 6.57 6.77
N GLY A 27 -6.79 6.81 5.61
CA GLY A 27 -6.29 8.14 5.28
C GLY A 27 -4.86 8.33 5.71
N GLU A 28 -4.44 7.62 6.76
CA GLU A 28 -3.07 7.73 7.25
C GLU A 28 -2.13 6.85 6.44
N SER A 29 -0.94 7.37 6.15
CA SER A 29 0.05 6.64 5.37
C SER A 29 0.42 5.33 6.05
N LEU A 30 0.28 4.23 5.33
CA LEU A 30 0.61 2.91 5.87
C LEU A 30 2.10 2.81 6.20
N LYS A 31 2.44 1.84 7.05
CA LYS A 31 3.83 1.64 7.44
C LYS A 31 4.53 0.69 6.48
N LYS A 32 5.56 1.20 5.81
CA LYS A 32 6.32 0.39 4.86
C LYS A 32 7.38 -0.44 5.58
N LYS A 33 7.19 -1.76 5.58
CA LYS A 33 8.13 -2.67 6.22
C LYS A 33 9.35 -2.93 5.33
N ASN A 34 10.43 -3.39 5.94
CA ASN A 34 11.65 -3.68 5.19
C ASN A 34 11.54 -5.02 4.48
N ASP A 35 11.38 -4.98 3.16
CA ASP A 35 11.26 -6.19 2.36
C ASP A 35 12.52 -6.41 1.52
N PRO A 36 13.50 -7.12 2.11
CA PRO A 36 14.77 -7.41 1.43
C PRO A 36 14.61 -8.41 0.29
N ASP A 37 13.73 -9.39 0.49
CA ASP A 37 13.48 -10.40 -0.53
C ASP A 37 12.85 -9.78 -1.77
N GLU A 38 12.04 -8.75 -1.57
CA GLU A 38 11.38 -8.06 -2.68
C GLU A 38 12.15 -6.81 -3.08
N VAL A 39 12.16 -6.53 -4.38
CA VAL A 39 12.86 -5.36 -4.89
C VAL A 39 11.91 -4.18 -5.08
N PHE A 40 10.94 -4.07 -4.18
CA PHE A 40 9.96 -2.99 -4.24
C PHE A 40 9.43 -2.67 -2.84
N SER A 41 8.57 -1.64 -2.77
CA SER A 41 7.99 -1.23 -1.50
C SER A 41 6.74 -2.05 -1.19
N VAL A 42 6.37 -2.08 0.10
CA VAL A 42 5.20 -2.82 0.53
C VAL A 42 4.41 -2.04 1.57
N ARG A 43 3.15 -1.77 1.27
CA ARG A 43 2.28 -1.03 2.19
C ARG A 43 1.36 -1.97 2.95
N ILE A 44 1.53 -2.02 4.27
CA ILE A 44 0.71 -2.88 5.11
C ILE A 44 -0.19 -2.06 6.01
N CYS A 45 -1.48 -2.40 6.03
CA CYS A 45 -2.46 -1.69 6.85
C CYS A 45 -2.70 -2.43 8.17
N ALA A 46 -2.14 -1.89 9.25
CA ALA A 46 -2.30 -2.50 10.56
C ALA A 46 -3.71 -2.31 11.10
N ASP A 47 -4.42 -1.33 10.54
CA ASP A 47 -5.78 -1.04 10.96
C ASP A 47 -6.79 -1.93 10.23
N CYS A 48 -6.59 -2.06 8.91
CA CYS A 48 -7.49 -2.88 8.10
C CYS A 48 -7.11 -4.35 8.21
N GLY A 49 -5.82 -4.62 8.39
CA GLY A 49 -5.36 -6.00 8.50
C GLY A 49 -5.07 -6.63 7.15
N ARG A 50 -4.29 -5.93 6.32
CA ARG A 50 -3.95 -6.43 5.00
C ARG A 50 -2.61 -5.86 4.53
N GLU A 51 -2.06 -6.44 3.47
CA GLU A 51 -0.80 -5.99 2.92
C GLU A 51 -0.90 -5.78 1.41
N TRP A 52 -0.06 -4.89 0.89
CA TRP A 52 -0.05 -4.61 -0.54
C TRP A 52 1.36 -4.31 -1.03
N LYS A 53 1.60 -4.54 -2.32
CA LYS A 53 2.91 -4.30 -2.91
C LYS A 53 2.92 -2.99 -3.69
N GLU A 54 3.69 -2.02 -3.20
CA GLU A 54 3.79 -0.72 -3.86
C GLU A 54 5.11 -0.60 -4.62
N LEU A 55 5.02 -0.44 -5.93
CA LEU A 55 6.19 -0.32 -6.77
C LEU A 55 6.66 1.13 -6.84
N ARG A 56 7.87 1.38 -6.38
CA ARG A 56 8.43 2.74 -6.39
C ARG A 56 8.97 3.10 -7.77
N MET A 1 1.43 -12.03 -5.39
CA MET A 1 1.39 -11.07 -4.29
C MET A 1 0.38 -9.97 -4.56
N LYS A 2 -0.31 -9.52 -3.51
CA LYS A 2 -1.31 -8.47 -3.63
C LYS A 2 -0.65 -7.16 -4.06
N THR A 3 -0.63 -6.91 -5.37
CA THR A 3 -0.03 -5.69 -5.91
C THR A 3 -0.96 -4.50 -5.73
N THR A 4 -0.38 -3.35 -5.46
CA THR A 4 -1.15 -2.13 -5.25
C THR A 4 -2.06 -1.85 -6.45
N ARG A 5 -1.58 -2.19 -7.63
CA ARG A 5 -2.35 -1.97 -8.86
C ARG A 5 -3.75 -2.54 -8.73
N LYS A 6 -3.86 -3.67 -8.03
CA LYS A 6 -5.16 -4.31 -7.83
C LYS A 6 -5.95 -3.63 -6.72
N GLY A 7 -5.29 -3.40 -5.58
CA GLY A 7 -5.95 -2.75 -4.46
C GLY A 7 -6.51 -1.39 -4.83
N LEU A 8 -5.80 -0.68 -5.71
CA LEU A 8 -6.23 0.65 -6.14
C LEU A 8 -7.52 0.56 -6.96
N ARG A 9 -7.47 -0.20 -8.05
CA ARG A 9 -8.63 -0.37 -8.91
C ARG A 9 -9.84 -0.83 -8.12
N ASP A 10 -9.60 -1.68 -7.11
CA ASP A 10 -10.67 -2.19 -6.27
C ASP A 10 -11.26 -1.09 -5.41
N GLY A 11 -10.45 -0.10 -5.08
CA GLY A 11 -10.91 1.00 -4.25
C GLY A 11 -10.45 0.88 -2.81
N GLU A 12 -9.26 0.32 -2.62
CA GLU A 12 -8.71 0.14 -1.27
C GLU A 12 -7.57 1.11 -1.03
N LEU A 13 -6.78 1.38 -2.06
CA LEU A 13 -5.65 2.29 -1.96
C LEU A 13 -5.89 3.56 -2.78
N GLU A 14 -5.16 4.62 -2.45
CA GLU A 14 -5.30 5.88 -3.16
C GLU A 14 -3.94 6.57 -3.32
N LYS A 15 -3.91 7.66 -4.07
CA LYS A 15 -2.68 8.41 -4.30
C LYS A 15 -2.71 9.75 -3.55
N ASP A 16 -1.67 10.00 -2.76
CA ASP A 16 -1.58 11.24 -2.00
C ASP A 16 -0.86 12.32 -2.81
N THR A 17 -0.72 13.50 -2.20
CA THR A 17 -0.06 14.62 -2.87
C THR A 17 1.34 14.23 -3.33
N TYR A 18 2.02 13.43 -2.52
CA TYR A 18 3.38 13.00 -2.83
C TYR A 18 3.37 11.61 -3.48
N GLY A 19 2.23 11.25 -4.07
CA GLY A 19 2.11 9.96 -4.72
C GLY A 19 2.34 8.81 -3.76
N ARG A 20 1.93 8.99 -2.51
CA ARG A 20 2.10 7.96 -1.49
C ARG A 20 0.88 7.05 -1.43
N LEU A 21 1.07 5.79 -1.78
CA LEU A 21 -0.01 4.81 -1.76
C LEU A 21 -0.48 4.54 -0.34
N THR A 22 -1.70 4.99 -0.02
CA THR A 22 -2.27 4.79 1.30
C THR A 22 -3.74 4.41 1.22
N CYS A 23 -4.21 3.69 2.23
CA CYS A 23 -5.60 3.24 2.27
C CYS A 23 -6.54 4.45 2.38
N SER A 24 -7.32 4.68 1.33
CA SER A 24 -8.26 5.79 1.31
C SER A 24 -9.34 5.61 2.39
N GLU A 25 -9.45 4.39 2.91
CA GLU A 25 -10.43 4.09 3.94
C GLU A 25 -10.01 4.67 5.28
N CYS A 26 -8.71 4.66 5.54
CA CYS A 26 -8.17 5.18 6.79
C CYS A 26 -7.66 6.61 6.61
N GLY A 27 -7.02 6.86 5.47
CA GLY A 27 -6.49 8.18 5.20
C GLY A 27 -5.06 8.35 5.69
N GLU A 28 -4.70 7.61 6.73
CA GLU A 28 -3.36 7.69 7.29
C GLU A 28 -2.39 6.84 6.46
N SER A 29 -1.21 7.41 6.20
CA SER A 29 -0.19 6.71 5.42
C SER A 29 0.21 5.41 6.09
N LEU A 30 0.11 4.31 5.36
CA LEU A 30 0.46 2.99 5.89
C LEU A 30 1.95 2.92 6.19
N LYS A 31 2.32 1.96 7.04
CA LYS A 31 3.71 1.78 7.43
C LYS A 31 4.43 0.88 6.44
N LYS A 32 5.51 1.38 5.84
CA LYS A 32 6.30 0.62 4.88
C LYS A 32 7.27 -0.31 5.60
N LYS A 33 7.17 -1.61 5.31
CA LYS A 33 8.05 -2.59 5.91
C LYS A 33 9.22 -2.92 4.99
N ASN A 34 10.40 -3.08 5.58
CA ASN A 34 11.60 -3.40 4.81
C ASN A 34 11.38 -4.64 3.95
N ASP A 35 11.74 -4.54 2.67
CA ASP A 35 11.58 -5.65 1.74
C ASP A 35 12.93 -6.26 1.39
N PRO A 36 13.38 -7.24 2.19
CA PRO A 36 14.66 -7.91 1.98
C PRO A 36 14.66 -8.80 0.74
N ASP A 37 13.57 -9.55 0.56
CA ASP A 37 13.44 -10.44 -0.58
C ASP A 37 12.82 -9.71 -1.77
N GLU A 38 11.93 -8.77 -1.48
CA GLU A 38 11.25 -8.00 -2.53
C GLU A 38 12.04 -6.73 -2.84
N VAL A 39 12.20 -6.45 -4.13
CA VAL A 39 12.93 -5.27 -4.57
C VAL A 39 11.97 -4.11 -4.83
N PHE A 40 10.98 -3.96 -3.96
CA PHE A 40 10.00 -2.88 -4.09
C PHE A 40 9.42 -2.51 -2.74
N SER A 41 8.58 -1.48 -2.73
CA SER A 41 7.96 -1.01 -1.49
C SER A 41 6.70 -1.83 -1.18
N VAL A 42 6.30 -1.81 0.09
CA VAL A 42 5.12 -2.55 0.53
C VAL A 42 4.31 -1.73 1.53
N ARG A 43 3.01 -1.64 1.30
CA ARG A 43 2.12 -0.89 2.19
C ARG A 43 1.21 -1.83 2.97
N ILE A 44 1.38 -1.85 4.28
CA ILE A 44 0.57 -2.70 5.15
C ILE A 44 -0.37 -1.88 6.01
N CYS A 45 -1.66 -2.19 5.93
CA CYS A 45 -2.67 -1.47 6.71
C CYS A 45 -2.89 -2.14 8.07
N ALA A 46 -2.38 -1.51 9.11
CA ALA A 46 -2.52 -2.04 10.46
C ALA A 46 -3.95 -1.86 10.98
N ASP A 47 -4.68 -0.95 10.37
CA ASP A 47 -6.07 -0.69 10.76
C ASP A 47 -7.02 -1.65 10.06
N CYS A 48 -6.83 -1.81 8.75
CA CYS A 48 -7.67 -2.70 7.96
C CYS A 48 -7.25 -4.16 8.13
N GLY A 49 -5.94 -4.36 8.32
CA GLY A 49 -5.43 -5.71 8.49
C GLY A 49 -5.12 -6.38 7.15
N ARG A 50 -4.37 -5.69 6.30
CA ARG A 50 -4.01 -6.23 5.00
C ARG A 50 -2.66 -5.69 4.53
N GLU A 51 -2.18 -6.19 3.41
CA GLU A 51 -0.90 -5.77 2.86
C GLU A 51 -0.97 -5.59 1.36
N TRP A 52 -0.13 -4.73 0.81
CA TRP A 52 -0.10 -4.47 -0.62
C TRP A 52 1.33 -4.20 -1.10
N LYS A 53 1.58 -4.45 -2.38
CA LYS A 53 2.89 -4.23 -2.96
C LYS A 53 2.92 -2.93 -3.76
N GLU A 54 3.69 -1.96 -3.29
CA GLU A 54 3.81 -0.68 -3.96
C GLU A 54 5.13 -0.58 -4.72
N LEU A 55 5.04 -0.60 -6.05
CA LEU A 55 6.23 -0.51 -6.89
C LEU A 55 6.70 0.93 -7.03
N ARG A 56 7.89 1.21 -6.52
CA ARG A 56 8.46 2.55 -6.58
C ARG A 56 9.31 2.72 -7.84
N MET A 1 1.48 -12.28 -3.05
CA MET A 1 1.42 -10.87 -2.70
C MET A 1 0.65 -10.08 -3.76
N LYS A 2 -0.40 -9.40 -3.32
CA LYS A 2 -1.22 -8.61 -4.22
C LYS A 2 -0.58 -7.25 -4.51
N THR A 3 -0.77 -6.75 -5.72
CA THR A 3 -0.21 -5.46 -6.11
C THR A 3 -1.15 -4.32 -5.74
N THR A 4 -0.57 -3.17 -5.41
CA THR A 4 -1.35 -2.00 -5.03
C THR A 4 -2.22 -1.54 -6.18
N ARG A 5 -1.72 -1.66 -7.40
CA ARG A 5 -2.45 -1.25 -8.59
C ARG A 5 -3.84 -1.87 -8.61
N LYS A 6 -3.92 -3.12 -8.14
CA LYS A 6 -5.20 -3.83 -8.11
C LYS A 6 -6.13 -3.24 -7.05
N GLY A 7 -5.56 -2.85 -5.92
CA GLY A 7 -6.35 -2.27 -4.85
C GLY A 7 -6.91 -0.90 -5.21
N LEU A 8 -6.09 -0.09 -5.86
CA LEU A 8 -6.51 1.25 -6.26
C LEU A 8 -7.77 1.19 -7.12
N ARG A 9 -7.69 0.44 -8.22
CA ARG A 9 -8.82 0.30 -9.13
C ARG A 9 -10.04 -0.29 -8.40
N ASP A 10 -9.78 -1.20 -7.47
CA ASP A 10 -10.85 -1.83 -6.70
C ASP A 10 -11.48 -0.83 -5.74
N GLY A 11 -10.69 0.15 -5.30
CA GLY A 11 -11.21 1.16 -4.38
C GLY A 11 -10.77 0.90 -2.95
N GLU A 12 -9.56 0.36 -2.78
CA GLU A 12 -9.02 0.06 -1.47
C GLU A 12 -7.90 1.03 -1.10
N LEU A 13 -7.11 1.40 -2.10
CA LEU A 13 -6.00 2.32 -1.90
C LEU A 13 -6.24 3.65 -2.61
N GLU A 14 -5.35 4.61 -2.39
CA GLU A 14 -5.48 5.93 -3.01
C GLU A 14 -4.11 6.54 -3.25
N LYS A 15 -4.04 7.50 -4.17
CA LYS A 15 -2.79 8.17 -4.49
C LYS A 15 -2.69 9.51 -3.77
N ASP A 16 -1.62 9.69 -3.02
CA ASP A 16 -1.39 10.93 -2.27
C ASP A 16 -0.66 11.95 -3.13
N THR A 17 -0.42 13.13 -2.56
CA THR A 17 0.28 14.19 -3.27
C THR A 17 1.61 13.71 -3.83
N TYR A 18 2.29 12.87 -3.06
CA TYR A 18 3.58 12.33 -3.48
C TYR A 18 3.43 10.91 -4.01
N GLY A 19 2.22 10.59 -4.47
CA GLY A 19 1.97 9.26 -5.01
C GLY A 19 2.20 8.16 -3.98
N ARG A 20 1.88 8.46 -2.73
CA ARG A 20 2.07 7.49 -1.65
C ARG A 20 0.86 6.59 -1.52
N LEU A 21 1.01 5.32 -1.89
CA LEU A 21 -0.08 4.36 -1.83
C LEU A 21 -0.50 4.12 -0.37
N THR A 22 -1.72 4.58 -0.05
CA THR A 22 -2.24 4.43 1.30
C THR A 22 -3.71 4.01 1.27
N CYS A 23 -4.14 3.32 2.32
CA CYS A 23 -5.52 2.86 2.42
C CYS A 23 -6.49 4.03 2.49
N SER A 24 -7.28 4.21 1.44
CA SER A 24 -8.25 5.29 1.38
C SER A 24 -9.30 5.16 2.48
N GLU A 25 -9.38 3.96 3.06
CA GLU A 25 -10.34 3.70 4.11
C GLU A 25 -9.90 4.35 5.42
N CYS A 26 -8.60 4.38 5.65
CA CYS A 26 -8.05 4.96 6.87
C CYS A 26 -7.57 6.39 6.61
N GLY A 27 -6.97 6.62 5.45
CA GLY A 27 -6.48 7.94 5.10
C GLY A 27 -5.05 8.16 5.54
N GLU A 28 -4.65 7.49 6.62
CA GLU A 28 -3.29 7.61 7.14
C GLU A 28 -2.31 6.74 6.36
N SER A 29 -1.16 7.29 6.04
CA SER A 29 -0.14 6.57 5.30
C SER A 29 0.28 5.31 6.04
N LEU A 30 0.18 4.16 5.38
CA LEU A 30 0.56 2.89 5.98
C LEU A 30 2.05 2.85 6.29
N LYS A 31 2.44 1.94 7.17
CA LYS A 31 3.84 1.80 7.56
C LYS A 31 4.57 0.85 6.62
N LYS A 32 5.68 1.32 6.05
CA LYS A 32 6.47 0.52 5.13
C LYS A 32 7.44 -0.38 5.89
N LYS A 33 7.29 -1.69 5.70
CA LYS A 33 8.14 -2.67 6.38
C LYS A 33 9.39 -2.96 5.53
N ASN A 34 10.51 -3.16 6.20
CA ASN A 34 11.77 -3.44 5.52
C ASN A 34 11.71 -4.82 4.86
N ASP A 35 11.49 -4.84 3.55
CA ASP A 35 11.42 -6.08 2.80
C ASP A 35 12.64 -6.25 1.91
N PRO A 36 13.70 -6.86 2.47
CA PRO A 36 14.95 -7.09 1.73
C PRO A 36 14.80 -8.13 0.64
N ASP A 37 13.93 -9.11 0.88
CA ASP A 37 13.69 -10.17 -0.09
C ASP A 37 13.03 -9.63 -1.36
N GLU A 38 12.20 -8.60 -1.18
CA GLU A 38 11.50 -7.98 -2.31
C GLU A 38 12.23 -6.72 -2.77
N VAL A 39 12.28 -6.52 -4.08
CA VAL A 39 12.94 -5.35 -4.64
C VAL A 39 11.94 -4.24 -4.94
N PHE A 40 10.94 -4.11 -4.08
CA PHE A 40 9.91 -3.08 -4.24
C PHE A 40 9.35 -2.66 -2.88
N SER A 41 8.46 -1.67 -2.90
CA SER A 41 7.85 -1.17 -1.69
C SER A 41 6.63 -2.00 -1.30
N VAL A 42 6.28 -1.97 -0.01
CA VAL A 42 5.14 -2.72 0.49
C VAL A 42 4.37 -1.93 1.52
N ARG A 43 3.06 -1.80 1.32
CA ARG A 43 2.21 -1.05 2.24
C ARG A 43 1.31 -2.00 3.03
N ILE A 44 1.52 -2.04 4.35
CA ILE A 44 0.74 -2.91 5.22
C ILE A 44 -0.19 -2.09 6.12
N CYS A 45 -1.47 -2.43 6.11
CA CYS A 45 -2.45 -1.72 6.92
C CYS A 45 -2.64 -2.43 8.27
N ALA A 46 -2.10 -1.81 9.33
CA ALA A 46 -2.22 -2.36 10.67
C ALA A 46 -3.62 -2.21 11.22
N ASP A 47 -4.37 -1.27 10.64
CA ASP A 47 -5.74 -1.01 11.08
C ASP A 47 -6.72 -1.96 10.38
N CYS A 48 -6.55 -2.11 9.07
CA CYS A 48 -7.42 -2.99 8.29
C CYS A 48 -6.99 -4.45 8.42
N GLY A 49 -5.68 -4.66 8.57
CA GLY A 49 -5.17 -6.01 8.71
C GLY A 49 -4.90 -6.66 7.36
N ARG A 50 -4.17 -5.97 6.50
CA ARG A 50 -3.85 -6.48 5.18
C ARG A 50 -2.51 -5.92 4.69
N GLU A 51 -2.08 -6.38 3.52
CA GLU A 51 -0.83 -5.92 2.94
C GLU A 51 -0.97 -5.70 1.43
N TRP A 52 -0.10 -4.86 0.89
CA TRP A 52 -0.14 -4.55 -0.54
C TRP A 52 1.28 -4.34 -1.09
N LYS A 53 1.46 -4.64 -2.37
CA LYS A 53 2.76 -4.48 -3.01
C LYS A 53 2.81 -3.20 -3.84
N GLU A 54 3.61 -2.24 -3.39
CA GLU A 54 3.74 -0.97 -4.10
C GLU A 54 5.02 -0.94 -4.92
N LEU A 55 4.87 -0.63 -6.20
CA LEU A 55 6.02 -0.57 -7.11
C LEU A 55 6.69 0.81 -7.04
N ARG A 56 7.97 0.81 -6.71
CA ARG A 56 8.72 2.05 -6.61
C ARG A 56 10.21 1.82 -6.91
N MET A 1 1.61 -12.05 -5.36
CA MET A 1 1.54 -11.11 -4.25
C MET A 1 0.52 -10.01 -4.52
N LYS A 2 -0.21 -9.61 -3.49
CA LYS A 2 -1.22 -8.57 -3.62
C LYS A 2 -0.59 -7.25 -4.04
N THR A 3 -0.56 -6.99 -5.35
CA THR A 3 0.01 -5.76 -5.88
C THR A 3 -0.93 -4.59 -5.67
N THR A 4 -0.35 -3.41 -5.39
CA THR A 4 -1.14 -2.21 -5.17
C THR A 4 -2.06 -1.93 -6.35
N ARG A 5 -1.60 -2.27 -7.55
CA ARG A 5 -2.38 -2.06 -8.76
C ARG A 5 -3.78 -2.66 -8.62
N LYS A 6 -3.86 -3.79 -7.92
CA LYS A 6 -5.14 -4.46 -7.70
C LYS A 6 -5.92 -3.79 -6.58
N GLY A 7 -5.24 -3.50 -5.48
CA GLY A 7 -5.88 -2.86 -4.35
C GLY A 7 -6.48 -1.51 -4.70
N LEU A 8 -5.83 -0.80 -5.62
CA LEU A 8 -6.30 0.51 -6.04
C LEU A 8 -7.60 0.39 -6.84
N ARG A 9 -7.56 -0.39 -7.91
CA ARG A 9 -8.73 -0.59 -8.76
C ARG A 9 -9.92 -1.05 -7.94
N ASP A 10 -9.65 -1.88 -6.93
CA ASP A 10 -10.70 -2.40 -6.07
C ASP A 10 -11.29 -1.29 -5.20
N GLY A 11 -10.48 -0.29 -4.90
CA GLY A 11 -10.94 0.83 -4.09
C GLY A 11 -10.45 0.73 -2.65
N GLU A 12 -9.25 0.18 -2.47
CA GLU A 12 -8.68 0.03 -1.14
C GLU A 12 -7.54 1.03 -0.92
N LEU A 13 -6.79 1.31 -1.98
CA LEU A 13 -5.68 2.24 -1.90
C LEU A 13 -5.96 3.49 -2.73
N GLU A 14 -5.22 4.56 -2.46
CA GLU A 14 -5.39 5.81 -3.18
C GLU A 14 -4.06 6.55 -3.33
N LYS A 15 -4.08 7.66 -4.05
CA LYS A 15 -2.88 8.45 -4.26
C LYS A 15 -2.90 9.72 -3.41
N ASP A 16 -1.84 9.92 -2.64
CA ASP A 16 -1.74 11.09 -1.77
C ASP A 16 -1.21 12.30 -2.55
N THR A 17 -1.01 13.41 -1.84
CA THR A 17 -0.51 14.62 -2.47
C THR A 17 0.78 14.36 -3.22
N TYR A 18 1.62 13.48 -2.68
CA TYR A 18 2.89 13.14 -3.30
C TYR A 18 2.83 11.77 -3.97
N GLY A 19 1.61 11.34 -4.31
CA GLY A 19 1.43 10.05 -4.95
C GLY A 19 1.79 8.90 -4.03
N ARG A 20 1.53 9.06 -2.74
CA ARG A 20 1.84 8.02 -1.76
C ARG A 20 0.67 7.05 -1.62
N LEU A 21 0.91 5.79 -1.97
CA LEU A 21 -0.12 4.75 -1.89
C LEU A 21 -0.53 4.53 -0.44
N THR A 22 -1.76 4.93 -0.11
CA THR A 22 -2.28 4.77 1.24
C THR A 22 -3.75 4.38 1.22
N CYS A 23 -4.20 3.68 2.26
CA CYS A 23 -5.58 3.25 2.35
C CYS A 23 -6.52 4.45 2.46
N SER A 24 -7.33 4.66 1.42
CA SER A 24 -8.27 5.77 1.40
C SER A 24 -9.31 5.64 2.52
N GLU A 25 -9.41 4.43 3.07
CA GLU A 25 -10.36 4.17 4.14
C GLU A 25 -9.88 4.77 5.46
N CYS A 26 -8.57 4.78 5.66
CA CYS A 26 -7.99 5.33 6.88
C CYS A 26 -7.49 6.75 6.64
N GLY A 27 -6.91 6.99 5.48
CA GLY A 27 -6.40 8.31 5.14
C GLY A 27 -4.96 8.50 5.58
N GLU A 28 -4.56 7.79 6.63
CA GLU A 28 -3.19 7.89 7.14
C GLU A 28 -2.25 7.00 6.33
N SER A 29 -1.08 7.54 6.00
CA SER A 29 -0.08 6.80 5.23
C SER A 29 0.32 5.52 5.95
N LEU A 30 0.21 4.39 5.26
CA LEU A 30 0.57 3.10 5.84
C LEU A 30 2.06 3.05 6.17
N LYS A 31 2.43 2.12 7.04
CA LYS A 31 3.82 1.96 7.44
C LYS A 31 4.55 1.02 6.50
N LYS A 32 5.67 1.48 5.94
CA LYS A 32 6.46 0.68 5.02
C LYS A 32 7.38 -0.28 5.78
N LYS A 33 7.22 -1.58 5.53
CA LYS A 33 8.04 -2.59 6.19
C LYS A 33 9.30 -2.86 5.39
N ASN A 34 10.28 -3.48 6.05
CA ASN A 34 11.55 -3.80 5.40
C ASN A 34 11.46 -5.14 4.66
N ASP A 35 11.30 -5.06 3.34
CA ASP A 35 11.20 -6.26 2.52
C ASP A 35 12.47 -6.46 1.69
N PRO A 36 13.45 -7.17 2.27
CA PRO A 36 14.73 -7.44 1.60
C PRO A 36 14.58 -8.41 0.44
N ASP A 37 13.71 -9.41 0.61
CA ASP A 37 13.47 -10.41 -0.42
C ASP A 37 12.86 -9.76 -1.66
N GLU A 38 12.04 -8.74 -1.46
CA GLU A 38 11.38 -8.05 -2.56
C GLU A 38 12.15 -6.78 -2.93
N VAL A 39 12.23 -6.50 -4.23
CA VAL A 39 12.93 -5.33 -4.71
C VAL A 39 11.98 -4.16 -4.94
N PHE A 40 11.00 -4.04 -4.05
CA PHE A 40 10.01 -2.97 -4.14
C PHE A 40 9.44 -2.62 -2.76
N SER A 41 8.58 -1.61 -2.72
CA SER A 41 7.98 -1.18 -1.47
C SER A 41 6.73 -1.99 -1.16
N VAL A 42 6.35 -2.01 0.11
CA VAL A 42 5.16 -2.76 0.54
C VAL A 42 4.34 -1.95 1.56
N ARG A 43 3.10 -1.66 1.20
CA ARG A 43 2.22 -0.91 2.07
C ARG A 43 1.30 -1.83 2.86
N ILE A 44 1.47 -1.83 4.19
CA ILE A 44 0.65 -2.69 5.05
C ILE A 44 -0.26 -1.84 5.94
N CYS A 45 -1.54 -2.16 5.92
CA CYS A 45 -2.53 -1.43 6.73
C CYS A 45 -2.74 -2.12 8.07
N ALA A 46 -2.20 -1.53 9.12
CA ALA A 46 -2.33 -2.08 10.46
C ALA A 46 -3.74 -1.89 11.00
N ASP A 47 -4.48 -0.95 10.40
CA ASP A 47 -5.85 -0.67 10.82
C ASP A 47 -6.83 -1.62 10.13
N CYS A 48 -6.65 -1.80 8.82
CA CYS A 48 -7.52 -2.67 8.04
C CYS A 48 -7.11 -4.13 8.22
N GLY A 49 -5.82 -4.36 8.39
CA GLY A 49 -5.32 -5.71 8.55
C GLY A 49 -5.04 -6.39 7.23
N ARG A 50 -4.28 -5.72 6.37
CA ARG A 50 -3.94 -6.26 5.06
C ARG A 50 -2.60 -5.71 4.58
N GLU A 51 -2.06 -6.31 3.52
CA GLU A 51 -0.79 -5.88 2.95
C GLU A 51 -0.88 -5.71 1.44
N TRP A 52 -0.05 -4.84 0.89
CA TRP A 52 -0.04 -4.60 -0.54
C TRP A 52 1.38 -4.31 -1.03
N LYS A 53 1.61 -4.53 -2.33
CA LYS A 53 2.92 -4.30 -2.92
C LYS A 53 2.93 -2.99 -3.70
N GLU A 54 3.70 -2.02 -3.20
CA GLU A 54 3.80 -0.72 -3.85
C GLU A 54 5.11 -0.60 -4.64
N LEU A 55 4.98 -0.45 -5.95
CA LEU A 55 6.14 -0.33 -6.82
C LEU A 55 6.80 1.05 -6.67
N ARG A 56 8.11 1.06 -6.43
CA ARG A 56 8.85 2.30 -6.27
C ARG A 56 9.12 2.95 -7.62
N MET A 1 0.96 -11.23 -1.15
CA MET A 1 1.65 -10.01 -1.55
C MET A 1 1.07 -9.44 -2.83
N LYS A 2 -0.26 -9.32 -2.88
CA LYS A 2 -0.95 -8.79 -4.04
C LYS A 2 -0.36 -7.45 -4.45
N THR A 3 -0.67 -7.03 -5.69
CA THR A 3 -0.16 -5.76 -6.20
C THR A 3 -1.09 -4.61 -5.82
N THR A 4 -0.50 -3.45 -5.56
CA THR A 4 -1.27 -2.27 -5.17
C THR A 4 -2.17 -1.81 -6.32
N ARG A 5 -1.68 -1.94 -7.55
CA ARG A 5 -2.44 -1.55 -8.72
C ARG A 5 -3.83 -2.16 -8.70
N LYS A 6 -3.92 -3.39 -8.21
CA LYS A 6 -5.19 -4.10 -8.14
C LYS A 6 -6.09 -3.50 -7.06
N GLY A 7 -5.47 -3.07 -5.96
CA GLY A 7 -6.22 -2.48 -4.87
C GLY A 7 -6.72 -1.09 -5.20
N LEU A 8 -5.88 -0.30 -5.85
CA LEU A 8 -6.25 1.07 -6.22
C LEU A 8 -7.50 1.08 -7.08
N ARG A 9 -7.53 0.23 -8.09
CA ARG A 9 -8.68 0.14 -8.99
C ARG A 9 -9.92 -0.33 -8.23
N ASP A 10 -9.73 -1.24 -7.29
CA ASP A 10 -10.83 -1.78 -6.49
C ASP A 10 -11.38 -0.72 -5.56
N GLY A 11 -10.52 0.21 -5.14
CA GLY A 11 -10.94 1.27 -4.25
C GLY A 11 -10.52 1.02 -2.82
N GLU A 12 -9.36 0.39 -2.65
CA GLU A 12 -8.84 0.09 -1.32
C GLU A 12 -7.66 0.99 -0.98
N LEU A 13 -6.85 1.29 -1.99
CA LEU A 13 -5.68 2.15 -1.80
C LEU A 13 -5.83 3.45 -2.56
N GLU A 14 -5.04 4.45 -2.18
CA GLU A 14 -5.08 5.76 -2.82
C GLU A 14 -3.71 6.43 -2.80
N LYS A 15 -3.47 7.32 -3.76
CA LYS A 15 -2.20 8.02 -3.84
C LYS A 15 -2.27 9.35 -3.08
N ASP A 16 -1.16 9.70 -2.42
CA ASP A 16 -1.10 10.94 -1.66
C ASP A 16 -0.33 12.02 -2.43
N THR A 17 -0.14 13.16 -1.79
CA THR A 17 0.58 14.28 -2.42
C THR A 17 1.98 13.85 -2.84
N TYR A 18 2.61 13.01 -2.04
CA TYR A 18 3.95 12.53 -2.33
C TYR A 18 3.91 11.19 -3.04
N GLY A 19 2.79 10.91 -3.70
CA GLY A 19 2.64 9.65 -4.42
C GLY A 19 2.75 8.45 -3.51
N ARG A 20 2.28 8.60 -2.27
CA ARG A 20 2.32 7.51 -1.30
C ARG A 20 1.01 6.72 -1.29
N LEU A 21 1.11 5.42 -1.52
CA LEU A 21 -0.07 4.56 -1.54
C LEU A 21 -0.54 4.25 -0.13
N THR A 22 -1.72 4.76 0.23
CA THR A 22 -2.28 4.54 1.56
C THR A 22 -3.74 4.14 1.47
N CYS A 23 -4.21 3.39 2.47
CA CYS A 23 -5.60 2.94 2.50
C CYS A 23 -6.55 4.11 2.64
N SER A 24 -7.31 4.39 1.58
CA SER A 24 -8.26 5.49 1.57
C SER A 24 -9.35 5.26 2.62
N GLU A 25 -9.46 4.03 3.09
CA GLU A 25 -10.47 3.68 4.09
C GLU A 25 -10.08 4.21 5.46
N CYS A 26 -8.78 4.20 5.75
CA CYS A 26 -8.28 4.68 7.03
C CYS A 26 -7.78 6.12 6.92
N GLY A 27 -7.13 6.43 5.80
CA GLY A 27 -6.61 7.77 5.60
C GLY A 27 -5.19 7.93 6.11
N GLU A 28 -4.85 7.16 7.13
CA GLU A 28 -3.51 7.23 7.73
C GLU A 28 -2.50 6.50 6.85
N SER A 29 -1.34 7.12 6.66
CA SER A 29 -0.28 6.53 5.85
C SER A 29 0.18 5.21 6.43
N LEU A 30 0.07 4.14 5.63
CA LEU A 30 0.48 2.82 6.07
C LEU A 30 1.99 2.77 6.34
N LYS A 31 2.40 1.77 7.12
CA LYS A 31 3.82 1.61 7.45
C LYS A 31 4.54 0.79 6.39
N LYS A 32 5.55 1.38 5.76
CA LYS A 32 6.31 0.69 4.74
C LYS A 32 7.39 -0.21 5.36
N LYS A 33 7.32 -1.50 5.07
CA LYS A 33 8.29 -2.45 5.59
C LYS A 33 9.39 -2.74 4.58
N ASN A 34 10.60 -2.28 4.88
CA ASN A 34 11.74 -2.49 3.98
C ASN A 34 12.25 -3.93 4.09
N ASP A 35 11.90 -4.76 3.12
CA ASP A 35 12.33 -6.15 3.10
C ASP A 35 13.57 -6.32 2.23
N PRO A 36 14.51 -7.16 2.69
CA PRO A 36 15.76 -7.44 1.96
C PRO A 36 15.52 -8.24 0.69
N ASP A 37 14.75 -9.32 0.81
CA ASP A 37 14.44 -10.18 -0.32
C ASP A 37 13.60 -9.43 -1.35
N GLU A 38 12.73 -8.55 -0.87
CA GLU A 38 11.87 -7.78 -1.75
C GLU A 38 12.53 -6.47 -2.16
N VAL A 39 12.72 -6.30 -3.47
CA VAL A 39 13.35 -5.09 -3.99
C VAL A 39 12.29 -4.07 -4.41
N PHE A 40 11.20 -4.01 -3.65
CA PHE A 40 10.12 -3.07 -3.95
C PHE A 40 9.45 -2.59 -2.66
N SER A 41 8.51 -1.65 -2.80
CA SER A 41 7.80 -1.12 -1.66
C SER A 41 6.61 -2.00 -1.28
N VAL A 42 6.19 -1.94 -0.03
CA VAL A 42 5.06 -2.72 0.45
C VAL A 42 4.25 -1.96 1.48
N ARG A 43 2.96 -1.78 1.19
CA ARG A 43 2.07 -1.05 2.09
C ARG A 43 1.18 -2.02 2.87
N ILE A 44 1.36 -2.05 4.19
CA ILE A 44 0.57 -2.94 5.04
C ILE A 44 -0.37 -2.13 5.93
N CYS A 45 -1.65 -2.51 5.93
CA CYS A 45 -2.64 -1.82 6.75
C CYS A 45 -2.88 -2.56 8.06
N ALA A 46 -2.35 -2.00 9.15
CA ALA A 46 -2.49 -2.61 10.46
C ALA A 46 -3.92 -2.44 10.99
N ASP A 47 -4.64 -1.48 10.43
CA ASP A 47 -6.02 -1.22 10.84
C ASP A 47 -7.00 -2.14 10.09
N CYS A 48 -6.80 -2.24 8.79
CA CYS A 48 -7.67 -3.08 7.95
C CYS A 48 -7.25 -4.54 8.04
N GLY A 49 -5.95 -4.78 8.21
CA GLY A 49 -5.45 -6.13 8.30
C GLY A 49 -5.15 -6.75 6.96
N ARG A 50 -4.40 -6.02 6.14
CA ARG A 50 -4.04 -6.49 4.80
C ARG A 50 -2.70 -5.94 4.36
N GLU A 51 -2.18 -6.45 3.25
CA GLU A 51 -0.90 -6.00 2.72
C GLU A 51 -0.97 -5.79 1.21
N TRP A 52 -0.12 -4.92 0.69
CA TRP A 52 -0.09 -4.64 -0.73
C TRP A 52 1.34 -4.35 -1.20
N LYS A 53 1.63 -4.72 -2.45
CA LYS A 53 2.96 -4.49 -3.02
C LYS A 53 2.96 -3.27 -3.92
N GLU A 54 3.74 -2.25 -3.53
CA GLU A 54 3.84 -1.02 -4.31
C GLU A 54 5.12 -1.00 -5.14
N LEU A 55 4.97 -1.07 -6.46
CA LEU A 55 6.12 -1.07 -7.36
C LEU A 55 6.52 0.37 -7.70
N ARG A 56 7.82 0.60 -7.78
CA ARG A 56 8.35 1.92 -8.11
C ARG A 56 9.61 1.82 -8.96
N MET A 1 2.04 -11.36 -5.59
CA MET A 1 1.24 -11.13 -4.40
C MET A 1 0.25 -10.00 -4.62
N LYS A 2 -0.42 -9.58 -3.55
CA LYS A 2 -1.39 -8.51 -3.61
C LYS A 2 -0.74 -7.20 -4.06
N THR A 3 -0.79 -6.94 -5.36
CA THR A 3 -0.20 -5.72 -5.92
C THR A 3 -1.13 -4.53 -5.72
N THR A 4 -0.54 -3.36 -5.46
CA THR A 4 -1.31 -2.14 -5.25
C THR A 4 -2.23 -1.87 -6.45
N ARG A 5 -1.78 -2.23 -7.64
CA ARG A 5 -2.57 -2.03 -8.85
C ARG A 5 -3.97 -2.60 -8.70
N LYS A 6 -4.08 -3.71 -7.97
CA LYS A 6 -5.36 -4.35 -7.73
C LYS A 6 -6.14 -3.63 -6.64
N GLY A 7 -5.46 -3.29 -5.56
CA GLY A 7 -6.10 -2.59 -4.46
C GLY A 7 -6.62 -1.23 -4.86
N LEU A 8 -5.93 -0.58 -5.78
CA LEU A 8 -6.33 0.74 -6.25
C LEU A 8 -7.64 0.67 -7.01
N ARG A 9 -7.66 -0.11 -8.08
CA ARG A 9 -8.85 -0.26 -8.90
C ARG A 9 -10.05 -0.67 -8.04
N ASP A 10 -9.79 -1.50 -7.04
CA ASP A 10 -10.85 -1.96 -6.15
C ASP A 10 -11.37 -0.81 -5.28
N GLY A 11 -10.50 0.16 -5.01
CA GLY A 11 -10.90 1.29 -4.20
C GLY A 11 -10.44 1.17 -2.76
N GLU A 12 -9.27 0.55 -2.57
CA GLU A 12 -8.72 0.36 -1.23
C GLU A 12 -7.55 1.30 -0.99
N LEU A 13 -6.77 1.55 -2.03
CA LEU A 13 -5.62 2.43 -1.95
C LEU A 13 -5.82 3.70 -2.76
N GLU A 14 -5.09 4.75 -2.42
CA GLU A 14 -5.20 6.02 -3.12
C GLU A 14 -3.87 6.77 -3.10
N LYS A 15 -3.64 7.59 -4.13
CA LYS A 15 -2.41 8.37 -4.23
C LYS A 15 -2.56 9.72 -3.55
N ASP A 16 -1.54 10.12 -2.80
CA ASP A 16 -1.56 11.39 -2.10
C ASP A 16 -0.87 12.48 -2.92
N THR A 17 -0.66 13.64 -2.30
CA THR A 17 -0.02 14.76 -2.98
C THR A 17 1.36 14.37 -3.50
N TYR A 18 2.09 13.59 -2.71
CA TYR A 18 3.43 13.14 -3.09
C TYR A 18 3.39 11.75 -3.71
N GLY A 19 2.23 11.38 -4.24
CA GLY A 19 2.08 10.07 -4.86
C GLY A 19 2.27 8.93 -3.88
N ARG A 20 1.88 9.16 -2.63
CA ARG A 20 2.02 8.15 -1.58
C ARG A 20 0.77 7.29 -1.51
N LEU A 21 0.91 6.01 -1.86
CA LEU A 21 -0.20 5.07 -1.82
C LEU A 21 -0.59 4.74 -0.38
N THR A 22 -1.79 5.15 0.00
CA THR A 22 -2.28 4.91 1.35
C THR A 22 -3.74 4.45 1.33
N CYS A 23 -4.14 3.70 2.35
CA CYS A 23 -5.50 3.19 2.44
C CYS A 23 -6.50 4.34 2.60
N SER A 24 -7.30 4.57 1.58
CA SER A 24 -8.29 5.63 1.60
C SER A 24 -9.34 5.39 2.69
N GLU A 25 -9.38 4.16 3.19
CA GLU A 25 -10.33 3.80 4.24
C GLU A 25 -9.91 4.37 5.58
N CYS A 26 -8.60 4.44 5.81
CA CYS A 26 -8.07 4.97 7.05
C CYS A 26 -7.63 6.42 6.88
N GLY A 27 -7.03 6.72 5.73
CA GLY A 27 -6.57 8.06 5.47
C GLY A 27 -5.13 8.29 5.91
N GLU A 28 -4.71 7.55 6.93
CA GLU A 28 -3.35 7.67 7.45
C GLU A 28 -2.37 6.86 6.60
N SER A 29 -1.20 7.43 6.37
CA SER A 29 -0.17 6.75 5.58
C SER A 29 0.22 5.42 6.21
N LEU A 30 0.10 4.35 5.44
CA LEU A 30 0.45 3.02 5.92
C LEU A 30 1.93 2.93 6.25
N LYS A 31 2.29 1.94 7.06
CA LYS A 31 3.68 1.72 7.45
C LYS A 31 4.42 0.85 6.43
N LYS A 32 5.57 1.33 5.99
CA LYS A 32 6.37 0.59 5.02
C LYS A 32 7.21 -0.49 5.70
N LYS A 33 7.03 -1.74 5.28
CA LYS A 33 7.78 -2.84 5.85
C LYS A 33 9.06 -3.10 5.07
N ASN A 34 10.01 -3.79 5.71
CA ASN A 34 11.28 -4.10 5.07
C ASN A 34 11.19 -5.39 4.27
N ASP A 35 11.02 -5.26 2.95
CA ASP A 35 10.92 -6.42 2.08
C ASP A 35 12.19 -6.57 1.23
N PRO A 36 13.18 -7.29 1.76
CA PRO A 36 14.45 -7.53 1.07
C PRO A 36 14.30 -8.44 -0.14
N ASP A 37 13.42 -9.44 -0.01
CA ASP A 37 13.18 -10.38 -1.09
C ASP A 37 12.57 -9.69 -2.30
N GLU A 38 11.75 -8.66 -2.04
CA GLU A 38 11.10 -7.91 -3.11
C GLU A 38 11.88 -6.64 -3.42
N VAL A 39 11.98 -6.32 -4.70
CA VAL A 39 12.70 -5.12 -5.14
C VAL A 39 11.74 -3.95 -5.32
N PHE A 40 10.78 -3.83 -4.41
CA PHE A 40 9.80 -2.75 -4.47
C PHE A 40 9.28 -2.42 -3.07
N SER A 41 8.44 -1.40 -2.99
CA SER A 41 7.86 -0.98 -1.72
C SER A 41 6.62 -1.79 -1.38
N VAL A 42 6.25 -1.82 -0.10
CA VAL A 42 5.09 -2.56 0.34
C VAL A 42 4.29 -1.76 1.38
N ARG A 43 2.99 -1.66 1.16
CA ARG A 43 2.12 -0.92 2.07
C ARG A 43 1.21 -1.87 2.85
N ILE A 44 1.41 -1.91 4.16
CA ILE A 44 0.62 -2.77 5.03
C ILE A 44 -0.33 -1.97 5.91
N CYS A 45 -1.61 -2.33 5.90
CA CYS A 45 -2.61 -1.64 6.69
C CYS A 45 -2.82 -2.35 8.04
N ALA A 46 -2.30 -1.75 9.10
CA ALA A 46 -2.43 -2.32 10.43
C ALA A 46 -3.86 -2.15 10.96
N ASP A 47 -4.59 -1.21 10.38
CA ASP A 47 -5.96 -0.95 10.79
C ASP A 47 -6.94 -1.89 10.07
N CYS A 48 -6.75 -2.04 8.77
CA CYS A 48 -7.61 -2.89 7.96
C CYS A 48 -7.19 -4.35 8.09
N GLY A 49 -5.89 -4.58 8.27
CA GLY A 49 -5.38 -5.93 8.40
C GLY A 49 -5.09 -6.57 7.06
N ARG A 50 -4.34 -5.88 6.22
CA ARG A 50 -3.99 -6.39 4.90
C ARG A 50 -2.65 -5.81 4.43
N GLU A 51 -2.15 -6.33 3.31
CA GLU A 51 -0.88 -5.87 2.76
C GLU A 51 -0.99 -5.66 1.25
N TRP A 52 -0.16 -4.77 0.72
CA TRP A 52 -0.16 -4.47 -0.70
C TRP A 52 1.25 -4.18 -1.20
N LYS A 53 1.49 -4.43 -2.48
CA LYS A 53 2.79 -4.18 -3.08
C LYS A 53 2.79 -2.89 -3.89
N GLU A 54 3.55 -1.91 -3.43
CA GLU A 54 3.64 -0.63 -4.12
C GLU A 54 4.93 -0.51 -4.93
N LEU A 55 4.79 -0.32 -6.24
CA LEU A 55 5.94 -0.21 -7.12
C LEU A 55 6.62 1.15 -6.95
N ARG A 56 7.88 1.12 -6.53
CA ARG A 56 8.65 2.35 -6.33
C ARG A 56 9.12 2.91 -7.66
N MET A 1 1.76 -11.68 -2.84
CA MET A 1 1.05 -10.55 -2.23
C MET A 1 0.32 -9.74 -3.29
N LYS A 2 -0.89 -9.29 -2.96
CA LYS A 2 -1.69 -8.49 -3.87
C LYS A 2 -0.99 -7.18 -4.22
N THR A 3 -1.05 -6.80 -5.49
CA THR A 3 -0.42 -5.56 -5.95
C THR A 3 -1.28 -4.35 -5.62
N THR A 4 -0.63 -3.24 -5.29
CA THR A 4 -1.34 -2.01 -4.95
C THR A 4 -2.26 -1.58 -6.09
N ARG A 5 -1.81 -1.80 -7.32
CA ARG A 5 -2.59 -1.43 -8.49
C ARG A 5 -3.98 -2.07 -8.46
N LYS A 6 -4.04 -3.30 -7.96
CA LYS A 6 -5.29 -4.03 -7.86
C LYS A 6 -6.19 -3.43 -6.78
N GLY A 7 -5.67 -3.32 -5.57
CA GLY A 7 -6.44 -2.76 -4.48
C GLY A 7 -7.01 -1.40 -4.81
N LEU A 8 -6.23 -0.59 -5.52
CA LEU A 8 -6.68 0.75 -5.91
C LEU A 8 -7.99 0.69 -6.69
N ARG A 9 -7.97 -0.03 -7.81
CA ARG A 9 -9.16 -0.18 -8.64
C ARG A 9 -10.34 -0.70 -7.83
N ASP A 10 -10.05 -1.58 -6.88
CA ASP A 10 -11.09 -2.16 -6.04
C ASP A 10 -11.66 -1.11 -5.09
N GLY A 11 -10.84 -0.12 -4.74
CA GLY A 11 -11.29 0.93 -3.85
C GLY A 11 -10.78 0.74 -2.42
N GLU A 12 -9.58 0.18 -2.30
CA GLU A 12 -8.99 -0.06 -0.99
C GLU A 12 -7.77 0.84 -0.77
N LEU A 13 -7.03 1.09 -1.83
CA LEU A 13 -5.84 1.93 -1.76
C LEU A 13 -6.04 3.23 -2.56
N GLU A 14 -5.18 4.21 -2.29
CA GLU A 14 -5.27 5.49 -2.98
C GLU A 14 -3.89 6.13 -3.13
N LYS A 15 -3.74 7.01 -4.10
CA LYS A 15 -2.47 7.69 -4.34
C LYS A 15 -2.48 9.08 -3.72
N ASP A 16 -1.36 9.46 -3.12
CA ASP A 16 -1.23 10.77 -2.50
C ASP A 16 -0.46 11.74 -3.39
N THR A 17 -0.23 12.94 -2.89
CA THR A 17 0.49 13.96 -3.65
C THR A 17 1.86 13.45 -4.10
N TYR A 18 2.52 12.70 -3.22
CA TYR A 18 3.84 12.15 -3.52
C TYR A 18 3.73 10.72 -4.03
N GLY A 19 2.57 10.38 -4.57
CA GLY A 19 2.35 9.04 -5.10
C GLY A 19 2.49 7.98 -4.03
N ARG A 20 2.10 8.32 -2.80
CA ARG A 20 2.19 7.38 -1.69
C ARG A 20 0.91 6.54 -1.59
N LEU A 21 1.05 5.24 -1.84
CA LEU A 21 -0.09 4.32 -1.78
C LEU A 21 -0.51 4.08 -0.34
N THR A 22 -1.69 4.60 0.01
CA THR A 22 -2.23 4.45 1.36
C THR A 22 -3.70 4.07 1.33
N CYS A 23 -4.15 3.38 2.38
CA CYS A 23 -5.54 2.95 2.46
C CYS A 23 -6.47 4.15 2.58
N SER A 24 -7.28 4.36 1.55
CA SER A 24 -8.22 5.48 1.52
C SER A 24 -9.25 5.35 2.64
N GLU A 25 -9.36 4.15 3.19
CA GLU A 25 -10.31 3.89 4.27
C GLU A 25 -9.82 4.51 5.58
N CYS A 26 -8.51 4.50 5.79
CA CYS A 26 -7.92 5.06 6.99
C CYS A 26 -7.43 6.48 6.76
N GLY A 27 -6.84 6.71 5.59
CA GLY A 27 -6.33 8.02 5.25
C GLY A 27 -4.88 8.20 5.67
N GLU A 28 -4.48 7.50 6.73
CA GLU A 28 -3.12 7.60 7.23
C GLU A 28 -2.18 6.69 6.43
N SER A 29 -1.00 7.21 6.11
CA SER A 29 -0.02 6.45 5.34
C SER A 29 0.37 5.17 6.07
N LEU A 30 0.24 4.05 5.38
CA LEU A 30 0.58 2.75 5.97
C LEU A 30 2.07 2.68 6.30
N LYS A 31 2.42 1.73 7.17
CA LYS A 31 3.81 1.56 7.58
C LYS A 31 4.56 0.67 6.59
N LYS A 32 5.51 1.26 5.88
CA LYS A 32 6.30 0.51 4.90
C LYS A 32 7.44 -0.24 5.58
N LYS A 33 7.32 -1.56 5.63
CA LYS A 33 8.35 -2.40 6.25
C LYS A 33 9.50 -2.66 5.28
N ASN A 34 10.67 -2.96 5.82
CA ASN A 34 11.84 -3.24 5.00
C ASN A 34 11.74 -4.62 4.36
N ASP A 35 11.55 -4.62 3.04
CA ASP A 35 11.44 -5.87 2.29
C ASP A 35 12.69 -6.11 1.45
N PRO A 36 13.68 -6.79 2.05
CA PRO A 36 14.95 -7.10 1.37
C PRO A 36 14.77 -8.14 0.27
N ASP A 37 13.86 -9.08 0.49
CA ASP A 37 13.59 -10.14 -0.48
C ASP A 37 12.92 -9.57 -1.73
N GLU A 38 12.09 -8.55 -1.54
CA GLU A 38 11.39 -7.92 -2.65
C GLU A 38 12.12 -6.66 -3.12
N VAL A 39 12.11 -6.43 -4.43
CA VAL A 39 12.77 -5.26 -5.01
C VAL A 39 11.79 -4.12 -5.20
N PHE A 40 10.83 -3.99 -4.28
CA PHE A 40 9.82 -2.93 -4.35
C PHE A 40 9.31 -2.58 -2.96
N SER A 41 8.45 -1.57 -2.90
CA SER A 41 7.88 -1.14 -1.62
C SER A 41 6.65 -1.97 -1.27
N VAL A 42 6.33 -2.00 0.02
CA VAL A 42 5.18 -2.75 0.51
C VAL A 42 4.39 -1.95 1.54
N ARG A 43 3.08 -1.89 1.35
CA ARG A 43 2.21 -1.15 2.26
C ARG A 43 1.30 -2.11 3.04
N ILE A 44 1.48 -2.15 4.35
CA ILE A 44 0.68 -3.02 5.21
C ILE A 44 -0.25 -2.20 6.10
N CYS A 45 -1.54 -2.51 6.04
CA CYS A 45 -2.54 -1.81 6.84
C CYS A 45 -2.75 -2.51 8.18
N ALA A 46 -2.22 -1.93 9.25
CA ALA A 46 -2.35 -2.50 10.58
C ALA A 46 -3.77 -2.33 11.11
N ASP A 47 -4.51 -1.40 10.53
CA ASP A 47 -5.88 -1.13 10.94
C ASP A 47 -6.85 -2.06 10.23
N CYS A 48 -6.67 -2.22 8.92
CA CYS A 48 -7.52 -3.08 8.12
C CYS A 48 -7.11 -4.54 8.26
N GLY A 49 -5.82 -4.77 8.44
CA GLY A 49 -5.31 -6.11 8.58
C GLY A 49 -5.02 -6.77 7.25
N ARG A 50 -4.26 -6.08 6.40
CA ARG A 50 -3.91 -6.60 5.08
C ARG A 50 -2.59 -6.00 4.60
N GLU A 51 -2.11 -6.51 3.47
CA GLU A 51 -0.85 -6.03 2.90
C GLU A 51 -0.98 -5.82 1.39
N TRP A 52 -0.15 -4.95 0.85
CA TRP A 52 -0.17 -4.65 -0.58
C TRP A 52 1.24 -4.37 -1.10
N LYS A 53 1.44 -4.60 -2.40
CA LYS A 53 2.73 -4.36 -3.02
C LYS A 53 2.75 -3.04 -3.78
N GLU A 54 3.56 -2.10 -3.29
CA GLU A 54 3.67 -0.79 -3.92
C GLU A 54 4.92 -0.70 -4.79
N LEU A 55 4.72 -0.58 -6.09
CA LEU A 55 5.84 -0.48 -7.02
C LEU A 55 6.43 0.93 -7.03
N ARG A 56 7.69 1.04 -6.62
CA ARG A 56 8.37 2.33 -6.57
C ARG A 56 8.95 2.68 -7.93
N MET A 1 1.85 -11.65 -5.30
CA MET A 1 1.03 -11.42 -4.13
C MET A 1 0.06 -10.26 -4.36
N LYS A 2 -0.62 -9.84 -3.30
CA LYS A 2 -1.57 -8.74 -3.38
C LYS A 2 -0.89 -7.46 -3.87
N THR A 3 -1.01 -7.20 -5.16
CA THR A 3 -0.41 -6.00 -5.76
C THR A 3 -1.31 -4.79 -5.59
N THR A 4 -0.70 -3.63 -5.37
CA THR A 4 -1.45 -2.39 -5.20
C THR A 4 -2.37 -2.13 -6.39
N ARG A 5 -1.91 -2.53 -7.58
CA ARG A 5 -2.69 -2.33 -8.79
C ARG A 5 -4.11 -2.89 -8.63
N LYS A 6 -4.22 -4.00 -7.89
CA LYS A 6 -5.51 -4.63 -7.66
C LYS A 6 -6.28 -3.90 -6.57
N GLY A 7 -5.65 -3.73 -5.41
CA GLY A 7 -6.30 -3.04 -4.30
C GLY A 7 -6.80 -1.66 -4.69
N LEU A 8 -6.07 -1.00 -5.58
CA LEU A 8 -6.44 0.34 -6.03
C LEU A 8 -7.73 0.29 -6.84
N ARG A 9 -7.73 -0.48 -7.92
CA ARG A 9 -8.90 -0.61 -8.78
C ARG A 9 -10.13 -1.01 -7.96
N ASP A 10 -9.92 -1.83 -6.94
CA ASP A 10 -11.01 -2.28 -6.08
C ASP A 10 -11.54 -1.13 -5.23
N GLY A 11 -10.66 -0.18 -4.92
CA GLY A 11 -11.06 0.96 -4.11
C GLY A 11 -10.59 0.84 -2.68
N GLU A 12 -9.43 0.23 -2.48
CA GLU A 12 -8.88 0.05 -1.15
C GLU A 12 -7.68 0.96 -0.93
N LEU A 13 -6.90 1.18 -1.98
CA LEU A 13 -5.74 2.05 -1.91
C LEU A 13 -5.92 3.31 -2.74
N GLU A 14 -5.12 4.33 -2.45
CA GLU A 14 -5.21 5.59 -3.17
C GLU A 14 -3.84 6.27 -3.24
N LYS A 15 -3.72 7.25 -4.13
CA LYS A 15 -2.47 7.98 -4.30
C LYS A 15 -2.49 9.28 -3.51
N ASP A 16 -1.40 9.57 -2.81
CA ASP A 16 -1.30 10.79 -2.02
C ASP A 16 -0.55 11.88 -2.78
N THR A 17 -0.32 13.01 -2.13
CA THR A 17 0.38 14.12 -2.75
C THR A 17 1.75 13.71 -3.26
N TYR A 18 2.43 12.88 -2.47
CA TYR A 18 3.76 12.39 -2.84
C TYR A 18 3.68 11.02 -3.49
N GLY A 19 2.53 10.69 -4.05
CA GLY A 19 2.35 9.41 -4.70
C GLY A 19 2.50 8.25 -3.75
N ARG A 20 2.12 8.45 -2.49
CA ARG A 20 2.22 7.42 -1.47
C ARG A 20 0.94 6.58 -1.40
N LEU A 21 1.07 5.31 -1.76
CA LEU A 21 -0.08 4.40 -1.74
C LEU A 21 -0.54 4.12 -0.32
N THR A 22 -1.71 4.64 0.04
CA THR A 22 -2.26 4.45 1.38
C THR A 22 -3.74 4.08 1.31
N CYS A 23 -4.20 3.36 2.33
CA CYS A 23 -5.60 2.94 2.39
C CYS A 23 -6.52 4.15 2.53
N SER A 24 -7.29 4.42 1.47
CA SER A 24 -8.21 5.55 1.47
C SER A 24 -9.29 5.37 2.54
N GLU A 25 -9.43 4.15 3.03
CA GLU A 25 -10.42 3.85 4.06
C GLU A 25 -9.99 4.38 5.41
N CYS A 26 -8.69 4.35 5.67
CA CYS A 26 -8.14 4.84 6.93
C CYS A 26 -7.62 6.27 6.78
N GLY A 27 -6.98 6.54 5.65
CA GLY A 27 -6.44 7.87 5.40
C GLY A 27 -5.01 8.01 5.89
N GLU A 28 -4.67 7.26 6.93
CA GLU A 28 -3.32 7.31 7.50
C GLU A 28 -2.33 6.56 6.62
N SER A 29 -1.19 7.18 6.35
CA SER A 29 -0.16 6.58 5.53
C SER A 29 0.32 5.27 6.13
N LEU A 30 0.19 4.18 5.36
CA LEU A 30 0.61 2.87 5.82
C LEU A 30 2.13 2.82 6.05
N LYS A 31 2.58 1.85 6.83
CA LYS A 31 4.00 1.70 7.13
C LYS A 31 4.69 0.86 6.06
N LYS A 32 5.68 1.45 5.40
CA LYS A 32 6.42 0.76 4.36
C LYS A 32 7.51 -0.12 4.96
N LYS A 33 7.33 -1.43 4.87
CA LYS A 33 8.31 -2.38 5.40
C LYS A 33 9.22 -2.89 4.30
N ASN A 34 10.50 -2.52 4.38
CA ASN A 34 11.48 -2.95 3.38
C ASN A 34 11.71 -4.46 3.47
N ASP A 35 11.27 -5.18 2.45
CA ASP A 35 11.44 -6.62 2.40
C ASP A 35 12.68 -7.00 1.60
N PRO A 36 13.42 -8.01 2.08
CA PRO A 36 14.63 -8.50 1.41
C PRO A 36 14.33 -9.22 0.10
N ASP A 37 13.26 -9.98 0.09
CA ASP A 37 12.86 -10.73 -1.10
C ASP A 37 12.12 -9.82 -2.08
N GLU A 38 11.37 -8.87 -1.54
CA GLU A 38 10.62 -7.93 -2.37
C GLU A 38 11.39 -6.63 -2.59
N VAL A 39 11.73 -6.35 -3.84
CA VAL A 39 12.47 -5.15 -4.17
C VAL A 39 11.53 -3.99 -4.48
N PHE A 40 10.54 -3.79 -3.60
CA PHE A 40 9.58 -2.72 -3.77
C PHE A 40 9.03 -2.26 -2.43
N SER A 41 8.19 -1.23 -2.46
CA SER A 41 7.60 -0.69 -1.24
C SER A 41 6.34 -1.46 -0.86
N VAL A 42 6.38 -2.14 0.28
CA VAL A 42 5.24 -2.92 0.75
C VAL A 42 4.40 -2.12 1.74
N ARG A 43 3.15 -1.84 1.35
CA ARG A 43 2.25 -1.09 2.21
C ARG A 43 1.33 -2.02 3.00
N ILE A 44 1.48 -1.99 4.33
CA ILE A 44 0.67 -2.83 5.20
C ILE A 44 -0.28 -2.00 6.04
N CYS A 45 -1.56 -2.36 6.02
CA CYS A 45 -2.57 -1.65 6.79
C CYS A 45 -2.79 -2.31 8.16
N ALA A 46 -2.27 -1.66 9.20
CA ALA A 46 -2.41 -2.19 10.55
C ALA A 46 -3.83 -2.01 11.07
N ASP A 47 -4.57 -1.10 10.45
CA ASP A 47 -5.95 -0.82 10.84
C ASP A 47 -6.91 -1.79 10.15
N CYS A 48 -6.72 -1.98 8.86
CA CYS A 48 -7.57 -2.88 8.09
C CYS A 48 -7.14 -4.33 8.27
N GLY A 49 -5.84 -4.55 8.46
CA GLY A 49 -5.32 -5.88 8.64
C GLY A 49 -5.03 -6.58 7.33
N ARG A 50 -4.29 -5.90 6.46
CA ARG A 50 -3.93 -6.46 5.16
C ARG A 50 -2.62 -5.87 4.66
N GLU A 51 -2.14 -6.39 3.54
CA GLU A 51 -0.89 -5.92 2.95
C GLU A 51 -1.03 -5.75 1.44
N TRP A 52 -0.19 -4.89 0.87
CA TRP A 52 -0.22 -4.64 -0.57
C TRP A 52 1.19 -4.38 -1.11
N LYS A 53 1.39 -4.67 -2.39
CA LYS A 53 2.68 -4.46 -3.02
C LYS A 53 2.68 -3.20 -3.87
N GLU A 54 3.48 -2.22 -3.45
CA GLU A 54 3.57 -0.95 -4.17
C GLU A 54 4.86 -0.88 -4.99
N LEU A 55 4.70 -0.83 -6.31
CA LEU A 55 5.85 -0.76 -7.21
C LEU A 55 6.39 0.66 -7.31
N ARG A 56 7.62 0.86 -6.86
CA ARG A 56 8.25 2.17 -6.90
C ARG A 56 8.79 2.47 -8.29
N MET A 1 2.07 -11.75 -2.84
CA MET A 1 1.29 -10.67 -2.24
C MET A 1 0.50 -9.91 -3.30
N LYS A 2 -0.67 -9.41 -2.92
CA LYS A 2 -1.52 -8.67 -3.85
C LYS A 2 -0.84 -7.38 -4.29
N THR A 3 -1.11 -6.97 -5.53
CA THR A 3 -0.52 -5.76 -6.09
C THR A 3 -1.39 -4.55 -5.79
N THR A 4 -0.75 -3.40 -5.57
CA THR A 4 -1.46 -2.17 -5.26
C THR A 4 -2.32 -1.73 -6.45
N ARG A 5 -1.83 -1.97 -7.65
CA ARG A 5 -2.55 -1.60 -8.87
C ARG A 5 -3.97 -2.17 -8.85
N LYS A 6 -4.11 -3.38 -8.31
CA LYS A 6 -5.41 -4.03 -8.22
C LYS A 6 -6.27 -3.39 -7.14
N GLY A 7 -5.64 -3.01 -6.04
CA GLY A 7 -6.37 -2.39 -4.95
C GLY A 7 -6.82 -0.98 -5.29
N LEU A 8 -6.01 -0.26 -6.04
CA LEU A 8 -6.33 1.12 -6.44
C LEU A 8 -7.62 1.16 -7.25
N ARG A 9 -7.64 0.39 -8.34
CA ARG A 9 -8.81 0.35 -9.21
C ARG A 9 -10.06 -0.03 -8.41
N ASP A 10 -9.90 -0.95 -7.46
CA ASP A 10 -11.01 -1.39 -6.63
C ASP A 10 -11.47 -0.28 -5.70
N GLY A 11 -10.54 0.59 -5.32
CA GLY A 11 -10.87 1.68 -4.42
C GLY A 11 -10.43 1.42 -2.99
N GLU A 12 -9.31 0.70 -2.85
CA GLU A 12 -8.80 0.38 -1.52
C GLU A 12 -7.57 1.22 -1.19
N LEU A 13 -6.76 1.48 -2.21
CA LEU A 13 -5.54 2.28 -2.04
C LEU A 13 -5.65 3.60 -2.78
N GLU A 14 -4.83 4.57 -2.38
CA GLU A 14 -4.83 5.87 -3.01
C GLU A 14 -3.43 6.50 -2.99
N LYS A 15 -3.16 7.38 -3.94
CA LYS A 15 -1.87 8.04 -4.04
C LYS A 15 -1.87 9.36 -3.25
N ASP A 16 -0.72 9.71 -2.70
CA ASP A 16 -0.59 10.95 -1.94
C ASP A 16 0.05 12.05 -2.77
N THR A 17 0.17 13.23 -2.19
CA THR A 17 0.77 14.36 -2.89
C THR A 17 2.16 14.01 -3.42
N TYR A 18 2.89 13.21 -2.66
CA TYR A 18 4.23 12.80 -3.06
C TYR A 18 4.21 11.45 -3.77
N GLY A 19 3.12 10.70 -3.57
CA GLY A 19 2.99 9.41 -4.20
C GLY A 19 3.08 8.26 -3.21
N ARG A 20 2.57 8.49 -2.01
CA ARG A 20 2.61 7.47 -0.96
C ARG A 20 1.30 6.66 -0.95
N LEU A 21 1.38 5.43 -1.41
CA LEU A 21 0.22 4.54 -1.45
C LEU A 21 -0.31 4.27 -0.04
N THR A 22 -1.50 4.76 0.24
CA THR A 22 -2.12 4.57 1.55
C THR A 22 -3.58 4.18 1.41
N CYS A 23 -4.09 3.45 2.40
CA CYS A 23 -5.49 3.02 2.40
C CYS A 23 -6.43 4.21 2.49
N SER A 24 -7.16 4.48 1.40
CA SER A 24 -8.09 5.60 1.37
C SER A 24 -9.21 5.40 2.39
N GLU A 25 -9.36 4.17 2.86
CA GLU A 25 -10.39 3.85 3.85
C GLU A 25 -10.03 4.39 5.22
N CYS A 26 -8.73 4.37 5.54
CA CYS A 26 -8.25 4.85 6.83
C CYS A 26 -7.74 6.28 6.71
N GLY A 27 -7.05 6.57 5.61
CA GLY A 27 -6.52 7.91 5.39
C GLY A 27 -5.11 8.06 5.95
N GLU A 28 -4.80 7.30 6.99
CA GLU A 28 -3.48 7.36 7.61
C GLU A 28 -2.47 6.57 6.79
N SER A 29 -1.28 7.14 6.63
CA SER A 29 -0.22 6.50 5.87
C SER A 29 0.15 5.15 6.49
N LEU A 30 0.11 4.11 5.67
CA LEU A 30 0.44 2.76 6.13
C LEU A 30 1.91 2.66 6.52
N LYS A 31 2.24 1.65 7.31
CA LYS A 31 3.61 1.44 7.76
C LYS A 31 4.38 0.57 6.76
N LYS A 32 5.38 1.17 6.12
CA LYS A 32 6.19 0.45 5.14
C LYS A 32 7.29 -0.37 5.83
N LYS A 33 7.15 -1.69 5.78
CA LYS A 33 8.13 -2.58 6.40
C LYS A 33 9.34 -2.76 5.49
N ASN A 34 10.45 -3.19 6.08
CA ASN A 34 11.68 -3.41 5.33
C ASN A 34 11.67 -4.79 4.67
N ASP A 35 11.38 -4.82 3.38
CA ASP A 35 11.35 -6.06 2.63
C ASP A 35 12.54 -6.16 1.68
N PRO A 36 13.66 -6.72 2.19
CA PRO A 36 14.88 -6.89 1.40
C PRO A 36 14.74 -7.94 0.32
N ASP A 37 13.94 -8.97 0.60
CA ASP A 37 13.72 -10.05 -0.35
C ASP A 37 13.03 -9.53 -1.61
N GLU A 38 12.17 -8.53 -1.44
CA GLU A 38 11.45 -7.94 -2.56
C GLU A 38 12.14 -6.67 -3.06
N VAL A 39 12.14 -6.49 -4.38
CA VAL A 39 12.77 -5.32 -4.98
C VAL A 39 11.75 -4.22 -5.24
N PHE A 40 10.79 -4.09 -4.34
CA PHE A 40 9.75 -3.06 -4.47
C PHE A 40 9.21 -2.67 -3.10
N SER A 41 8.36 -1.64 -3.09
CA SER A 41 7.77 -1.15 -1.84
C SER A 41 6.52 -1.95 -1.48
N VAL A 42 6.17 -1.94 -0.20
CA VAL A 42 4.99 -2.66 0.28
C VAL A 42 4.30 -1.88 1.39
N ARG A 43 2.97 -1.77 1.27
CA ARG A 43 2.18 -1.06 2.28
C ARG A 43 1.25 -2.01 3.02
N ILE A 44 1.40 -2.08 4.33
CA ILE A 44 0.58 -2.95 5.16
C ILE A 44 -0.38 -2.14 6.03
N CYS A 45 -1.65 -2.49 5.98
CA CYS A 45 -2.67 -1.79 6.76
C CYS A 45 -2.92 -2.51 8.08
N ALA A 46 -2.41 -1.94 9.18
CA ALA A 46 -2.58 -2.53 10.49
C ALA A 46 -4.01 -2.35 11.00
N ASP A 47 -4.72 -1.40 10.40
CA ASP A 47 -6.11 -1.14 10.79
C ASP A 47 -7.07 -2.06 10.05
N CYS A 48 -6.85 -2.21 8.74
CA CYS A 48 -7.69 -3.07 7.92
C CYS A 48 -7.29 -4.53 8.06
N GLY A 49 -6.00 -4.77 8.27
CA GLY A 49 -5.50 -6.12 8.42
C GLY A 49 -5.18 -6.77 7.08
N ARG A 50 -4.40 -6.08 6.27
CA ARG A 50 -4.00 -6.59 4.96
C ARG A 50 -2.70 -5.95 4.48
N GLU A 51 -2.22 -6.39 3.33
CA GLU A 51 -0.98 -5.86 2.76
C GLU A 51 -1.11 -5.65 1.26
N TRP A 52 -0.26 -4.79 0.72
CA TRP A 52 -0.28 -4.50 -0.72
C TRP A 52 1.13 -4.26 -1.24
N LYS A 53 1.36 -4.63 -2.49
CA LYS A 53 2.66 -4.45 -3.12
C LYS A 53 2.67 -3.21 -4.02
N GLU A 54 3.49 -2.24 -3.66
CA GLU A 54 3.60 -1.01 -4.44
C GLU A 54 4.87 -0.99 -5.27
N LEU A 55 4.73 -0.79 -6.58
CA LEU A 55 5.87 -0.75 -7.49
C LEU A 55 6.46 0.64 -7.56
N ARG A 56 7.78 0.74 -7.39
CA ARG A 56 8.46 2.03 -7.44
C ARG A 56 8.85 2.37 -8.87
N MET A 1 1.51 -11.67 -5.71
CA MET A 1 1.34 -10.82 -4.53
C MET A 1 0.34 -9.70 -4.82
N LYS A 2 -0.39 -9.29 -3.78
CA LYS A 2 -1.38 -8.23 -3.92
C LYS A 2 -0.71 -6.92 -4.34
N THR A 3 -0.70 -6.66 -5.64
CA THR A 3 -0.10 -5.44 -6.17
C THR A 3 -1.01 -4.24 -5.96
N THR A 4 -0.41 -3.09 -5.68
CA THR A 4 -1.17 -1.87 -5.45
C THR A 4 -2.09 -1.57 -6.63
N ARG A 5 -1.64 -1.91 -7.83
CA ARG A 5 -2.41 -1.68 -9.04
C ARG A 5 -3.83 -2.24 -8.88
N LYS A 6 -3.94 -3.36 -8.18
CA LYS A 6 -5.24 -4.00 -7.95
C LYS A 6 -6.00 -3.30 -6.83
N GLY A 7 -5.34 -3.12 -5.69
CA GLY A 7 -5.96 -2.47 -4.55
C GLY A 7 -6.48 -1.09 -4.90
N LEU A 8 -5.78 -0.40 -5.78
CA LEU A 8 -6.17 0.95 -6.19
C LEU A 8 -7.46 0.91 -7.02
N ARG A 9 -7.44 0.17 -8.12
CA ARG A 9 -8.60 0.06 -8.98
C ARG A 9 -9.83 -0.37 -8.19
N ASP A 10 -9.61 -1.24 -7.20
CA ASP A 10 -10.71 -1.73 -6.36
C ASP A 10 -11.26 -0.62 -5.48
N GLY A 11 -10.41 0.35 -5.14
CA GLY A 11 -10.84 1.45 -4.31
C GLY A 11 -10.39 1.30 -2.87
N GLU A 12 -9.22 0.69 -2.68
CA GLU A 12 -8.67 0.48 -1.35
C GLU A 12 -7.47 1.39 -1.09
N LEU A 13 -6.69 1.63 -2.15
CA LEU A 13 -5.51 2.48 -2.04
C LEU A 13 -5.70 3.77 -2.85
N GLU A 14 -4.96 4.81 -2.46
CA GLU A 14 -5.04 6.10 -3.16
C GLU A 14 -3.67 6.77 -3.21
N LYS A 15 -3.46 7.57 -4.25
CA LYS A 15 -2.19 8.27 -4.43
C LYS A 15 -2.26 9.67 -3.80
N ASP A 16 -1.22 10.04 -3.06
CA ASP A 16 -1.16 11.34 -2.42
C ASP A 16 -0.29 12.31 -3.22
N THR A 17 -0.16 13.53 -2.73
CA THR A 17 0.64 14.55 -3.40
C THR A 17 2.06 14.04 -3.67
N TYR A 18 2.60 13.27 -2.72
CA TYR A 18 3.94 12.72 -2.86
C TYR A 18 3.89 11.29 -3.38
N GLY A 19 2.81 10.96 -4.08
CA GLY A 19 2.67 9.62 -4.62
C GLY A 19 2.73 8.54 -3.55
N ARG A 20 2.22 8.86 -2.37
CA ARG A 20 2.22 7.91 -1.26
C ARG A 20 0.94 7.08 -1.26
N LEU A 21 1.09 5.78 -1.53
CA LEU A 21 -0.05 4.88 -1.56
C LEU A 21 -0.51 4.53 -0.14
N THR A 22 -1.68 5.03 0.23
CA THR A 22 -2.24 4.78 1.55
C THR A 22 -3.69 4.34 1.47
N CYS A 23 -4.13 3.57 2.46
CA CYS A 23 -5.50 3.08 2.49
C CYS A 23 -6.49 4.23 2.65
N SER A 24 -7.28 4.47 1.59
CA SER A 24 -8.27 5.55 1.62
C SER A 24 -9.34 5.28 2.66
N GLU A 25 -9.40 4.05 3.13
CA GLU A 25 -10.39 3.67 4.15
C GLU A 25 -10.00 4.21 5.51
N CYS A 26 -8.70 4.23 5.79
CA CYS A 26 -8.19 4.73 7.07
C CYS A 26 -7.74 6.17 6.95
N GLY A 27 -7.10 6.49 5.83
CA GLY A 27 -6.63 7.85 5.62
C GLY A 27 -5.21 8.06 6.11
N GLU A 28 -4.83 7.29 7.14
CA GLU A 28 -3.49 7.39 7.71
C GLU A 28 -2.47 6.64 6.85
N SER A 29 -1.31 7.24 6.66
CA SER A 29 -0.26 6.64 5.86
C SER A 29 0.16 5.29 6.45
N LEU A 30 0.07 4.25 5.63
CA LEU A 30 0.44 2.91 6.06
C LEU A 30 1.93 2.82 6.39
N LYS A 31 2.30 1.81 7.16
CA LYS A 31 3.69 1.63 7.55
C LYS A 31 4.44 0.79 6.51
N LYS A 32 5.42 1.41 5.86
CA LYS A 32 6.20 0.73 4.83
C LYS A 32 7.33 -0.09 5.48
N LYS A 33 7.39 -1.37 5.14
CA LYS A 33 8.41 -2.25 5.67
C LYS A 33 9.56 -2.42 4.69
N ASN A 34 10.70 -2.89 5.19
CA ASN A 34 11.87 -3.09 4.35
C ASN A 34 12.18 -4.57 4.19
N ASP A 35 11.68 -5.17 3.12
CA ASP A 35 11.91 -6.59 2.84
C ASP A 35 13.06 -6.78 1.88
N PRO A 36 13.89 -7.80 2.14
CA PRO A 36 15.06 -8.12 1.31
C PRO A 36 14.66 -8.66 -0.06
N ASP A 37 13.75 -9.63 -0.07
CA ASP A 37 13.29 -10.23 -1.31
C ASP A 37 12.47 -9.23 -2.13
N GLU A 38 11.75 -8.35 -1.44
CA GLU A 38 10.93 -7.35 -2.11
C GLU A 38 11.73 -6.06 -2.32
N VAL A 39 12.00 -5.75 -3.60
CA VAL A 39 12.75 -4.55 -3.94
C VAL A 39 11.81 -3.38 -4.24
N PHE A 40 10.78 -3.24 -3.42
CA PHE A 40 9.81 -2.17 -3.59
C PHE A 40 9.19 -1.78 -2.25
N SER A 41 8.34 -0.76 -2.27
CA SER A 41 7.69 -0.28 -1.06
C SER A 41 6.42 -1.08 -0.78
N VAL A 42 6.42 -1.80 0.34
CA VAL A 42 5.27 -2.62 0.72
C VAL A 42 4.39 -1.88 1.73
N ARG A 43 3.15 -1.62 1.35
CA ARG A 43 2.21 -0.93 2.22
C ARG A 43 1.32 -1.92 2.96
N ILE A 44 1.45 -1.96 4.28
CA ILE A 44 0.65 -2.86 5.10
C ILE A 44 -0.33 -2.08 5.98
N CYS A 45 -1.61 -2.45 5.88
CA CYS A 45 -2.65 -1.78 6.66
C CYS A 45 -2.88 -2.51 7.97
N ALA A 46 -2.41 -1.93 9.07
CA ALA A 46 -2.57 -2.53 10.38
C ALA A 46 -4.01 -2.40 10.87
N ASP A 47 -4.75 -1.46 10.28
CA ASP A 47 -6.14 -1.24 10.66
C ASP A 47 -7.07 -2.18 9.89
N CYS A 48 -6.84 -2.30 8.59
CA CYS A 48 -7.66 -3.16 7.75
C CYS A 48 -7.21 -4.62 7.87
N GLY A 49 -5.92 -4.82 8.08
CA GLY A 49 -5.38 -6.17 8.21
C GLY A 49 -5.03 -6.78 6.87
N ARG A 50 -4.27 -6.05 6.06
CA ARG A 50 -3.86 -6.53 4.75
C ARG A 50 -2.56 -5.88 4.30
N GLU A 51 -2.06 -6.30 3.15
CA GLU A 51 -0.82 -5.76 2.61
C GLU A 51 -0.91 -5.54 1.10
N TRP A 52 -0.07 -4.67 0.58
CA TRP A 52 -0.06 -4.37 -0.85
C TRP A 52 1.35 -4.09 -1.34
N LYS A 53 1.57 -4.28 -2.64
CA LYS A 53 2.88 -4.05 -3.24
C LYS A 53 2.90 -2.73 -4.00
N GLU A 54 3.68 -1.77 -3.50
CA GLU A 54 3.78 -0.46 -4.14
C GLU A 54 5.10 -0.33 -4.90
N LEU A 55 5.01 -0.27 -6.22
CA LEU A 55 6.18 -0.14 -7.06
C LEU A 55 6.67 1.30 -7.11
N ARG A 56 7.88 1.54 -6.63
CA ARG A 56 8.47 2.88 -6.62
C ARG A 56 9.21 3.15 -7.93
N MET A 1 3.07 -11.11 -3.04
CA MET A 1 1.79 -10.66 -2.54
C MET A 1 1.05 -9.84 -3.59
N LYS A 2 -0.21 -9.54 -3.33
CA LYS A 2 -1.04 -8.77 -4.25
C LYS A 2 -0.38 -7.42 -4.56
N THR A 3 -0.62 -6.91 -5.76
CA THR A 3 -0.05 -5.64 -6.17
C THR A 3 -0.96 -4.48 -5.79
N THR A 4 -0.36 -3.32 -5.52
CA THR A 4 -1.11 -2.14 -5.13
C THR A 4 -2.01 -1.66 -6.27
N ARG A 5 -1.52 -1.78 -7.49
CA ARG A 5 -2.27 -1.36 -8.67
C ARG A 5 -3.66 -2.00 -8.68
N LYS A 6 -3.72 -3.27 -8.29
CA LYS A 6 -4.98 -4.00 -8.25
C LYS A 6 -5.90 -3.43 -7.19
N GLY A 7 -5.37 -3.17 -6.01
CA GLY A 7 -6.16 -2.62 -4.92
C GLY A 7 -6.75 -1.28 -5.26
N LEU A 8 -5.99 -0.47 -6.00
CA LEU A 8 -6.44 0.86 -6.40
C LEU A 8 -7.78 0.79 -7.14
N ARG A 9 -7.79 0.07 -8.26
CA ARG A 9 -8.99 -0.08 -9.06
C ARG A 9 -10.13 -0.67 -8.23
N ASP A 10 -9.78 -1.57 -7.32
CA ASP A 10 -10.77 -2.21 -6.45
C ASP A 10 -11.35 -1.19 -5.47
N GLY A 11 -10.56 -0.19 -5.11
CA GLY A 11 -10.99 0.81 -4.17
C GLY A 11 -10.45 0.59 -2.77
N GLU A 12 -9.24 0.07 -2.69
CA GLU A 12 -8.60 -0.20 -1.40
C GLU A 12 -7.44 0.77 -1.16
N LEU A 13 -6.72 1.10 -2.22
CA LEU A 13 -5.59 2.02 -2.12
C LEU A 13 -5.85 3.30 -2.91
N GLU A 14 -5.00 4.29 -2.71
CA GLU A 14 -5.13 5.57 -3.41
C GLU A 14 -3.78 6.14 -3.77
N LYS A 15 -3.78 7.25 -4.51
CA LYS A 15 -2.54 7.90 -4.91
C LYS A 15 -2.53 9.36 -4.49
N ASP A 16 -1.50 9.76 -3.77
CA ASP A 16 -1.37 11.14 -3.30
C ASP A 16 -0.65 12.00 -4.35
N THR A 17 -0.41 13.26 -4.00
CA THR A 17 0.26 14.18 -4.90
C THR A 17 1.58 13.61 -5.39
N TYR A 18 2.28 12.89 -4.51
CA TYR A 18 3.56 12.28 -4.85
C TYR A 18 3.37 10.84 -5.30
N GLY A 19 2.23 10.24 -4.94
CA GLY A 19 1.96 8.88 -5.30
C GLY A 19 2.14 7.91 -4.15
N ARG A 20 1.83 8.37 -2.95
CA ARG A 20 1.97 7.54 -1.75
C ARG A 20 0.80 6.57 -1.63
N LEU A 21 1.05 5.30 -1.93
CA LEU A 21 0.03 4.27 -1.85
C LEU A 21 -0.42 4.05 -0.40
N THR A 22 -1.64 4.45 -0.09
CA THR A 22 -2.18 4.29 1.25
C THR A 22 -3.64 3.89 1.22
N CYS A 23 -4.10 3.20 2.25
CA CYS A 23 -5.48 2.75 2.34
C CYS A 23 -6.43 3.94 2.44
N SER A 24 -7.23 4.14 1.40
CA SER A 24 -8.17 5.24 1.37
C SER A 24 -9.23 5.09 2.47
N GLU A 25 -9.32 3.88 3.02
CA GLU A 25 -10.29 3.59 4.07
C GLU A 25 -9.84 4.21 5.40
N CYS A 26 -8.54 4.22 5.63
CA CYS A 26 -7.98 4.78 6.85
C CYS A 26 -7.50 6.21 6.63
N GLY A 27 -6.88 6.45 5.48
CA GLY A 27 -6.38 7.77 5.16
C GLY A 27 -4.95 7.97 5.61
N GLU A 28 -4.57 7.27 6.67
CA GLU A 28 -3.21 7.38 7.21
C GLU A 28 -2.24 6.52 6.41
N SER A 29 -1.05 7.05 6.16
CA SER A 29 -0.03 6.34 5.40
C SER A 29 0.33 5.02 6.09
N LEU A 30 0.23 3.92 5.34
CA LEU A 30 0.55 2.61 5.88
C LEU A 30 2.02 2.51 6.25
N LYS A 31 2.35 1.55 7.11
CA LYS A 31 3.72 1.35 7.55
C LYS A 31 4.47 0.41 6.59
N LYS A 32 5.53 0.93 5.97
CA LYS A 32 6.32 0.14 5.05
C LYS A 32 7.35 -0.71 5.80
N LYS A 33 7.16 -2.02 5.76
CA LYS A 33 8.07 -2.95 6.43
C LYS A 33 9.30 -3.20 5.58
N ASN A 34 10.44 -3.40 6.24
CA ASN A 34 11.69 -3.66 5.54
C ASN A 34 11.66 -5.01 4.84
N ASP A 35 11.49 -4.97 3.52
CA ASP A 35 11.44 -6.20 2.73
C ASP A 35 12.70 -6.36 1.89
N PRO A 36 13.73 -7.01 2.48
CA PRO A 36 15.01 -7.24 1.81
C PRO A 36 14.89 -8.25 0.67
N ASP A 37 14.03 -9.24 0.85
CA ASP A 37 13.82 -10.27 -0.16
C ASP A 37 13.17 -9.68 -1.41
N GLU A 38 12.31 -8.68 -1.21
CA GLU A 38 11.62 -8.04 -2.32
C GLU A 38 12.35 -6.77 -2.75
N VAL A 39 12.40 -6.54 -4.06
CA VAL A 39 13.07 -5.36 -4.60
C VAL A 39 12.07 -4.23 -4.84
N PHE A 40 11.09 -4.12 -3.95
CA PHE A 40 10.06 -3.07 -4.08
C PHE A 40 9.50 -2.72 -2.71
N SER A 41 8.62 -1.72 -2.68
CA SER A 41 8.00 -1.27 -1.44
C SER A 41 6.76 -2.11 -1.11
N VAL A 42 6.42 -2.18 0.17
CA VAL A 42 5.26 -2.95 0.62
C VAL A 42 4.48 -2.18 1.68
N ARG A 43 3.20 -1.95 1.42
CA ARG A 43 2.34 -1.24 2.35
C ARG A 43 1.40 -2.19 3.07
N ILE A 44 1.54 -2.30 4.39
CA ILE A 44 0.70 -3.18 5.18
C ILE A 44 -0.23 -2.38 6.08
N CYS A 45 -1.52 -2.68 6.01
CA CYS A 45 -2.52 -1.99 6.82
C CYS A 45 -2.74 -2.72 8.15
N ALA A 46 -2.20 -2.14 9.21
CA ALA A 46 -2.34 -2.72 10.54
C ALA A 46 -3.76 -2.56 11.08
N ASP A 47 -4.49 -1.60 10.51
CA ASP A 47 -5.86 -1.33 10.94
C ASP A 47 -6.84 -2.25 10.19
N CYS A 48 -6.65 -2.37 8.89
CA CYS A 48 -7.52 -3.21 8.07
C CYS A 48 -7.12 -4.68 8.18
N GLY A 49 -5.82 -4.92 8.35
CA GLY A 49 -5.33 -6.28 8.47
C GLY A 49 -5.04 -6.90 7.12
N ARG A 50 -4.27 -6.20 6.29
CA ARG A 50 -3.93 -6.69 4.95
C ARG A 50 -2.59 -6.12 4.51
N GLU A 51 -2.09 -6.63 3.37
CA GLU A 51 -0.81 -6.16 2.83
C GLU A 51 -0.93 -5.91 1.33
N TRP A 52 -0.06 -5.04 0.83
CA TRP A 52 -0.07 -4.71 -0.60
C TRP A 52 1.36 -4.45 -1.08
N LYS A 53 1.59 -4.70 -2.37
CA LYS A 53 2.90 -4.48 -2.97
C LYS A 53 2.94 -3.18 -3.75
N GLU A 54 3.73 -2.23 -3.25
CA GLU A 54 3.85 -0.93 -3.90
C GLU A 54 5.14 -0.85 -4.71
N LEU A 55 5.00 -0.58 -6.01
CA LEU A 55 6.15 -0.48 -6.90
C LEU A 55 6.72 0.94 -6.89
N ARG A 56 7.97 1.07 -6.45
CA ARG A 56 8.63 2.36 -6.39
C ARG A 56 9.25 2.71 -7.75
N MET A 1 2.36 -11.53 -5.51
CA MET A 1 1.48 -11.36 -4.36
C MET A 1 0.51 -10.21 -4.58
N LYS A 2 -0.29 -9.90 -3.57
CA LYS A 2 -1.26 -8.82 -3.66
C LYS A 2 -0.60 -7.52 -4.10
N THR A 3 -0.76 -7.18 -5.37
CA THR A 3 -0.16 -5.96 -5.91
C THR A 3 -1.09 -4.77 -5.71
N THR A 4 -0.51 -3.60 -5.45
CA THR A 4 -1.29 -2.39 -5.23
C THR A 4 -2.19 -2.11 -6.42
N ARG A 5 -1.73 -2.44 -7.62
CA ARG A 5 -2.49 -2.23 -8.84
C ARG A 5 -3.90 -2.80 -8.70
N LYS A 6 -4.01 -3.93 -8.00
CA LYS A 6 -5.30 -4.57 -7.79
C LYS A 6 -6.08 -3.90 -6.67
N GLY A 7 -5.39 -3.62 -5.57
CA GLY A 7 -6.03 -2.97 -4.45
C GLY A 7 -6.59 -1.60 -4.79
N LEU A 8 -5.91 -0.90 -5.71
CA LEU A 8 -6.34 0.42 -6.13
C LEU A 8 -7.63 0.35 -6.93
N ARG A 9 -7.61 -0.43 -8.00
CA ARG A 9 -8.77 -0.60 -8.86
C ARG A 9 -9.99 -1.03 -8.05
N ASP A 10 -9.75 -1.84 -7.03
CA ASP A 10 -10.84 -2.33 -6.17
C ASP A 10 -11.40 -1.20 -5.32
N GLY A 11 -10.56 -0.21 -5.02
CA GLY A 11 -11.00 0.92 -4.22
C GLY A 11 -10.53 0.82 -2.78
N GLU A 12 -9.36 0.25 -2.58
CA GLU A 12 -8.79 0.09 -1.25
C GLU A 12 -7.62 1.05 -1.03
N LEU A 13 -6.84 1.26 -2.09
CA LEU A 13 -5.69 2.15 -2.02
C LEU A 13 -5.90 3.40 -2.87
N GLU A 14 -5.16 4.45 -2.57
CA GLU A 14 -5.27 5.71 -3.31
C GLU A 14 -3.91 6.38 -3.43
N LYS A 15 -3.84 7.41 -4.28
CA LYS A 15 -2.60 8.14 -4.48
C LYS A 15 -2.68 9.53 -3.84
N ASP A 16 -1.63 9.90 -3.12
CA ASP A 16 -1.57 11.19 -2.45
C ASP A 16 -0.75 12.19 -3.26
N THR A 17 -0.59 13.40 -2.73
CA THR A 17 0.17 14.43 -3.40
C THR A 17 1.58 13.95 -3.73
N TYR A 18 2.15 13.15 -2.83
CA TYR A 18 3.50 12.63 -3.03
C TYR A 18 3.47 11.24 -3.65
N GLY A 19 2.37 10.94 -4.34
CA GLY A 19 2.22 9.64 -4.98
C GLY A 19 2.44 8.49 -4.02
N ARG A 20 2.07 8.69 -2.76
CA ARG A 20 2.23 7.67 -1.75
C ARG A 20 0.98 6.80 -1.63
N LEU A 21 1.09 5.54 -2.03
CA LEU A 21 -0.03 4.62 -1.98
C LEU A 21 -0.46 4.36 -0.53
N THR A 22 -1.68 4.79 -0.20
CA THR A 22 -2.21 4.61 1.14
C THR A 22 -3.70 4.26 1.10
N CYS A 23 -4.16 3.56 2.13
CA CYS A 23 -5.55 3.16 2.22
C CYS A 23 -6.47 4.37 2.34
N SER A 24 -7.27 4.61 1.31
CA SER A 24 -8.18 5.74 1.29
C SER A 24 -9.22 5.61 2.40
N GLU A 25 -9.35 4.40 2.94
CA GLU A 25 -10.31 4.15 4.01
C GLU A 25 -9.82 4.74 5.34
N CYS A 26 -8.52 4.71 5.55
CA CYS A 26 -7.92 5.25 6.77
C CYS A 26 -7.40 6.67 6.55
N GLY A 27 -6.80 6.89 5.38
CA GLY A 27 -6.27 8.21 5.07
C GLY A 27 -4.83 8.36 5.49
N GLU A 28 -4.45 7.64 6.54
CA GLU A 28 -3.07 7.70 7.04
C GLU A 28 -2.16 6.78 6.24
N SER A 29 -0.96 7.28 5.94
CA SER A 29 0.02 6.49 5.18
C SER A 29 0.36 5.20 5.89
N LEU A 30 0.21 4.08 5.18
CA LEU A 30 0.50 2.78 5.76
C LEU A 30 1.99 2.65 6.13
N LYS A 31 2.30 1.69 6.99
CA LYS A 31 3.67 1.47 7.42
C LYS A 31 4.41 0.57 6.44
N LYS A 32 5.39 1.14 5.74
CA LYS A 32 6.18 0.39 4.77
C LYS A 32 7.29 -0.40 5.46
N LYS A 33 7.16 -1.72 5.45
CA LYS A 33 8.16 -2.59 6.06
C LYS A 33 9.32 -2.86 5.11
N ASN A 34 10.43 -3.35 5.66
CA ASN A 34 11.60 -3.66 4.85
C ASN A 34 11.44 -5.00 4.15
N ASP A 35 11.26 -4.95 2.83
CA ASP A 35 11.10 -6.17 2.04
C ASP A 35 12.33 -6.43 1.18
N PRO A 36 13.29 -7.17 1.76
CA PRO A 36 14.54 -7.50 1.07
C PRO A 36 14.33 -8.50 -0.06
N ASP A 37 13.46 -9.47 0.16
CA ASP A 37 13.16 -10.48 -0.84
C ASP A 37 12.53 -9.85 -2.07
N GLU A 38 11.74 -8.80 -1.87
CA GLU A 38 11.09 -8.11 -2.97
C GLU A 38 11.88 -6.87 -3.38
N VAL A 39 11.87 -6.57 -4.68
CA VAL A 39 12.59 -5.42 -5.21
C VAL A 39 11.67 -4.22 -5.34
N PHE A 40 10.72 -4.10 -4.40
CA PHE A 40 9.77 -2.99 -4.42
C PHE A 40 9.27 -2.69 -3.01
N SER A 41 8.45 -1.65 -2.89
CA SER A 41 7.90 -1.26 -1.59
C SER A 41 6.64 -2.05 -1.27
N VAL A 42 6.31 -2.11 0.01
CA VAL A 42 5.12 -2.84 0.46
C VAL A 42 4.30 -2.01 1.45
N ARG A 43 3.01 -1.90 1.20
CA ARG A 43 2.12 -1.14 2.06
C ARG A 43 1.20 -2.07 2.84
N ILE A 44 1.35 -2.08 4.16
CA ILE A 44 0.54 -2.92 5.03
C ILE A 44 -0.39 -2.09 5.90
N CYS A 45 -1.68 -2.38 5.84
CA CYS A 45 -2.67 -1.66 6.64
C CYS A 45 -2.90 -2.34 7.97
N ALA A 46 -2.37 -1.75 9.03
CA ALA A 46 -2.52 -2.30 10.38
C ALA A 46 -3.94 -2.10 10.90
N ASP A 47 -4.66 -1.15 10.30
CA ASP A 47 -6.02 -0.86 10.70
C ASP A 47 -7.01 -1.79 9.99
N CYS A 48 -6.81 -1.96 8.70
CA CYS A 48 -7.69 -2.82 7.91
C CYS A 48 -7.30 -4.28 8.07
N GLY A 49 -6.00 -4.53 8.25
CA GLY A 49 -5.53 -5.89 8.40
C GLY A 49 -5.23 -6.56 7.08
N ARG A 50 -4.45 -5.90 6.24
CA ARG A 50 -4.10 -6.44 4.93
C ARG A 50 -2.75 -5.90 4.47
N GLU A 51 -2.23 -6.48 3.39
CA GLU A 51 -0.95 -6.05 2.84
C GLU A 51 -1.02 -5.90 1.33
N TRP A 52 -0.21 -5.01 0.79
CA TRP A 52 -0.18 -4.76 -0.66
C TRP A 52 1.23 -4.44 -1.12
N LYS A 53 1.50 -4.69 -2.40
CA LYS A 53 2.82 -4.42 -2.98
C LYS A 53 2.79 -3.14 -3.79
N GLU A 54 3.56 -2.15 -3.35
CA GLU A 54 3.63 -0.86 -4.04
C GLU A 54 4.92 -0.74 -4.82
N LEU A 55 4.79 -0.53 -6.13
CA LEU A 55 5.95 -0.40 -7.01
C LEU A 55 6.57 0.99 -6.88
N ARG A 56 7.81 1.03 -6.40
CA ARG A 56 8.52 2.29 -6.22
C ARG A 56 9.21 2.70 -7.52
N MET A 1 2.38 -11.61 -2.69
CA MET A 1 1.54 -10.56 -2.12
C MET A 1 0.79 -9.82 -3.22
N LYS A 2 -0.46 -9.46 -2.95
CA LYS A 2 -1.29 -8.74 -3.91
C LYS A 2 -0.63 -7.41 -4.30
N THR A 3 -0.85 -7.00 -5.54
CA THR A 3 -0.28 -5.75 -6.04
C THR A 3 -1.20 -4.58 -5.75
N THR A 4 -0.61 -3.41 -5.51
CA THR A 4 -1.38 -2.21 -5.22
C THR A 4 -2.30 -1.84 -6.39
N ARG A 5 -1.81 -2.08 -7.60
CA ARG A 5 -2.59 -1.78 -8.81
C ARG A 5 -3.97 -2.41 -8.72
N LYS A 6 -4.05 -3.60 -8.14
CA LYS A 6 -5.32 -4.31 -8.00
C LYS A 6 -6.19 -3.66 -6.93
N GLY A 7 -5.55 -3.20 -5.86
CA GLY A 7 -6.30 -2.57 -4.79
C GLY A 7 -6.80 -1.19 -5.16
N LEU A 8 -6.01 -0.45 -5.93
CA LEU A 8 -6.38 0.89 -6.37
C LEU A 8 -7.66 0.85 -7.19
N ARG A 9 -7.67 0.05 -8.23
CA ARG A 9 -8.83 -0.08 -9.10
C ARG A 9 -10.07 -0.48 -8.30
N ASP A 10 -9.87 -1.36 -7.32
CA ASP A 10 -10.97 -1.82 -6.48
C ASP A 10 -11.47 -0.71 -5.58
N GLY A 11 -10.58 0.21 -5.23
CA GLY A 11 -10.96 1.33 -4.38
C GLY A 11 -10.50 1.13 -2.95
N GLU A 12 -9.35 0.47 -2.78
CA GLU A 12 -8.81 0.23 -1.44
C GLU A 12 -7.62 1.14 -1.16
N LEU A 13 -6.83 1.40 -2.19
CA LEU A 13 -5.66 2.26 -2.06
C LEU A 13 -5.83 3.55 -2.85
N GLU A 14 -5.05 4.57 -2.48
CA GLU A 14 -5.13 5.86 -3.16
C GLU A 14 -3.75 6.53 -3.20
N LYS A 15 -3.61 7.53 -4.07
CA LYS A 15 -2.36 8.25 -4.20
C LYS A 15 -2.37 9.53 -3.36
N ASP A 16 -1.29 9.77 -2.63
CA ASP A 16 -1.17 10.95 -1.79
C ASP A 16 -0.46 12.08 -2.55
N THR A 17 -0.32 13.23 -1.88
CA THR A 17 0.34 14.38 -2.48
C THR A 17 1.72 14.01 -2.99
N TYR A 18 2.43 13.19 -2.25
CA TYR A 18 3.78 12.76 -2.63
C TYR A 18 3.75 11.39 -3.27
N GLY A 19 2.59 11.02 -3.83
CA GLY A 19 2.45 9.73 -4.47
C GLY A 19 2.60 8.58 -3.51
N ARG A 20 2.16 8.78 -2.28
CA ARG A 20 2.24 7.74 -1.26
C ARG A 20 0.99 6.87 -1.24
N LEU A 21 1.15 5.61 -1.63
CA LEU A 21 0.03 4.68 -1.65
C LEU A 21 -0.48 4.38 -0.25
N THR A 22 -1.67 4.87 0.06
CA THR A 22 -2.27 4.66 1.37
C THR A 22 -3.73 4.25 1.26
N CYS A 23 -4.22 3.51 2.24
CA CYS A 23 -5.61 3.07 2.25
C CYS A 23 -6.56 4.25 2.38
N SER A 24 -7.33 4.50 1.32
CA SER A 24 -8.28 5.60 1.31
C SER A 24 -9.37 5.39 2.35
N GLU A 25 -9.48 4.17 2.84
CA GLU A 25 -10.49 3.84 3.84
C GLU A 25 -10.09 4.38 5.21
N CYS A 26 -8.80 4.38 5.49
CA CYS A 26 -8.29 4.87 6.76
C CYS A 26 -7.79 6.31 6.63
N GLY A 27 -7.13 6.59 5.51
CA GLY A 27 -6.61 7.93 5.27
C GLY A 27 -5.19 8.10 5.81
N GLU A 28 -4.85 7.35 6.84
CA GLU A 28 -3.52 7.42 7.43
C GLU A 28 -2.51 6.65 6.59
N SER A 29 -1.36 7.27 6.35
CA SER A 29 -0.30 6.65 5.56
C SER A 29 0.15 5.33 6.20
N LEU A 30 0.03 4.25 5.44
CA LEU A 30 0.44 2.93 5.94
C LEU A 30 1.94 2.88 6.21
N LYS A 31 2.36 1.92 7.02
CA LYS A 31 3.76 1.76 7.36
C LYS A 31 4.48 0.88 6.33
N LYS A 32 5.41 1.47 5.60
CA LYS A 32 6.17 0.73 4.59
C LYS A 32 7.32 -0.04 5.22
N LYS A 33 7.23 -1.36 5.20
CA LYS A 33 8.28 -2.21 5.77
C LYS A 33 9.23 -2.71 4.69
N ASN A 34 10.46 -2.22 4.73
CA ASN A 34 11.47 -2.62 3.75
C ASN A 34 11.80 -4.11 3.88
N ASP A 35 12.03 -4.76 2.74
CA ASP A 35 12.34 -6.18 2.72
C ASP A 35 13.50 -6.46 1.78
N PRO A 36 14.40 -7.36 2.19
CA PRO A 36 15.57 -7.75 1.39
C PRO A 36 15.19 -8.55 0.15
N ASP A 37 14.35 -9.57 0.34
CA ASP A 37 13.90 -10.40 -0.75
C ASP A 37 13.05 -9.61 -1.74
N GLU A 38 12.29 -8.65 -1.22
CA GLU A 38 11.43 -7.82 -2.06
C GLU A 38 12.18 -6.59 -2.55
N VAL A 39 12.26 -6.45 -3.87
CA VAL A 39 12.95 -5.31 -4.47
C VAL A 39 11.97 -4.20 -4.82
N PHE A 40 10.96 -4.03 -3.98
CA PHE A 40 9.95 -3.00 -4.21
C PHE A 40 9.33 -2.55 -2.88
N SER A 41 8.46 -1.55 -2.95
CA SER A 41 7.79 -1.02 -1.76
C SER A 41 6.56 -1.84 -1.41
N VAL A 42 6.19 -1.82 -0.14
CA VAL A 42 5.01 -2.56 0.32
C VAL A 42 4.24 -1.77 1.38
N ARG A 43 2.93 -1.68 1.21
CA ARG A 43 2.09 -0.95 2.15
C ARG A 43 1.22 -1.92 2.94
N ILE A 44 1.39 -1.90 4.27
CA ILE A 44 0.62 -2.77 5.15
C ILE A 44 -0.37 -1.97 5.99
N CYS A 45 -1.64 -2.34 5.92
CA CYS A 45 -2.68 -1.66 6.67
C CYS A 45 -2.92 -2.35 8.01
N ALA A 46 -2.44 -1.72 9.08
CA ALA A 46 -2.61 -2.28 10.42
C ALA A 46 -4.05 -2.13 10.91
N ASP A 47 -4.78 -1.22 10.28
CA ASP A 47 -6.17 -0.97 10.65
C ASP A 47 -7.10 -1.94 9.93
N CYS A 48 -6.87 -2.12 8.63
CA CYS A 48 -7.68 -3.01 7.82
C CYS A 48 -7.24 -4.46 8.00
N GLY A 49 -5.95 -4.65 8.21
CA GLY A 49 -5.42 -5.99 8.40
C GLY A 49 -5.07 -6.66 7.09
N ARG A 50 -4.30 -5.96 6.26
CA ARG A 50 -3.89 -6.50 4.96
C ARG A 50 -2.60 -5.84 4.47
N GLU A 51 -2.11 -6.30 3.33
CA GLU A 51 -0.87 -5.76 2.76
C GLU A 51 -1.00 -5.59 1.25
N TRP A 52 -0.15 -4.74 0.69
CA TRP A 52 -0.17 -4.49 -0.75
C TRP A 52 1.24 -4.25 -1.28
N LYS A 53 1.46 -4.60 -2.54
CA LYS A 53 2.77 -4.42 -3.16
C LYS A 53 2.79 -3.18 -4.03
N GLU A 54 3.57 -2.19 -3.61
CA GLU A 54 3.68 -0.93 -4.35
C GLU A 54 5.01 -0.86 -5.12
N LEU A 55 4.91 -0.71 -6.43
CA LEU A 55 6.10 -0.63 -7.28
C LEU A 55 6.67 0.79 -7.29
N ARG A 56 7.90 0.93 -6.83
CA ARG A 56 8.55 2.23 -6.78
C ARG A 56 9.10 2.60 -8.16
N MET A 1 3.50 -10.72 -3.56
CA MET A 1 2.17 -10.57 -2.98
C MET A 1 1.27 -9.75 -3.90
N LYS A 2 0.02 -9.56 -3.48
CA LYS A 2 -0.94 -8.80 -4.26
C LYS A 2 -0.37 -7.43 -4.64
N THR A 3 -0.68 -6.97 -5.85
CA THR A 3 -0.21 -5.69 -6.32
C THR A 3 -1.15 -4.56 -5.92
N THR A 4 -0.59 -3.39 -5.63
CA THR A 4 -1.39 -2.23 -5.25
C THR A 4 -2.39 -1.86 -6.33
N ARG A 5 -1.98 -2.01 -7.58
CA ARG A 5 -2.84 -1.69 -8.72
C ARG A 5 -4.20 -2.37 -8.58
N LYS A 6 -4.19 -3.60 -8.06
CA LYS A 6 -5.42 -4.35 -7.88
C LYS A 6 -6.31 -3.71 -6.80
N GLY A 7 -5.67 -3.20 -5.75
CA GLY A 7 -6.41 -2.56 -4.68
C GLY A 7 -6.93 -1.19 -5.07
N LEU A 8 -6.18 -0.48 -5.90
CA LEU A 8 -6.57 0.84 -6.34
C LEU A 8 -7.87 0.79 -7.14
N ARG A 9 -7.89 -0.06 -8.17
CA ARG A 9 -9.07 -0.21 -9.02
C ARG A 9 -10.29 -0.60 -8.19
N ASP A 10 -10.07 -1.45 -7.20
CA ASP A 10 -11.15 -1.91 -6.34
C ASP A 10 -11.65 -0.77 -5.45
N GLY A 11 -10.76 0.18 -5.14
CA GLY A 11 -11.13 1.30 -4.30
C GLY A 11 -10.67 1.14 -2.87
N GLU A 12 -9.52 0.49 -2.68
CA GLU A 12 -8.97 0.27 -1.36
C GLU A 12 -7.79 1.20 -1.10
N LEU A 13 -6.99 1.44 -2.14
CA LEU A 13 -5.83 2.31 -2.03
C LEU A 13 -6.02 3.59 -2.84
N GLU A 14 -5.23 4.61 -2.51
CA GLU A 14 -5.32 5.89 -3.20
C GLU A 14 -3.94 6.54 -3.31
N LYS A 15 -3.81 7.46 -4.27
CA LYS A 15 -2.54 8.16 -4.48
C LYS A 15 -2.51 9.47 -3.72
N ASP A 16 -1.41 9.73 -3.01
CA ASP A 16 -1.26 10.95 -2.24
C ASP A 16 -0.51 12.01 -3.06
N THR A 17 -0.33 13.19 -2.45
CA THR A 17 0.36 14.28 -3.12
C THR A 17 1.73 13.85 -3.62
N TYR A 18 2.41 13.02 -2.83
CA TYR A 18 3.73 12.53 -3.19
C TYR A 18 3.65 11.13 -3.79
N GLY A 19 2.49 10.78 -4.32
CA GLY A 19 2.30 9.48 -4.92
C GLY A 19 2.44 8.36 -3.91
N ARG A 20 2.03 8.62 -2.68
CA ARG A 20 2.11 7.62 -1.61
C ARG A 20 0.84 6.79 -1.54
N LEU A 21 0.95 5.51 -1.88
CA LEU A 21 -0.20 4.61 -1.85
C LEU A 21 -0.64 4.33 -0.41
N THR A 22 -1.81 4.82 -0.05
CA THR A 22 -2.35 4.62 1.29
C THR A 22 -3.82 4.25 1.25
N CYS A 23 -4.27 3.52 2.27
CA CYS A 23 -5.66 3.10 2.35
C CYS A 23 -6.59 4.31 2.50
N SER A 24 -7.39 4.57 1.47
CA SER A 24 -8.32 5.69 1.49
C SER A 24 -9.36 5.52 2.59
N GLU A 25 -9.48 4.30 3.10
CA GLU A 25 -10.44 3.99 4.15
C GLU A 25 -9.96 4.54 5.50
N CYS A 26 -8.64 4.51 5.71
CA CYS A 26 -8.06 5.01 6.95
C CYS A 26 -7.55 6.44 6.78
N GLY A 27 -6.95 6.71 5.63
CA GLY A 27 -6.41 8.03 5.35
C GLY A 27 -4.97 8.18 5.80
N GLU A 28 -4.59 7.42 6.82
CA GLU A 28 -3.22 7.48 7.34
C GLU A 28 -2.29 6.64 6.48
N SER A 29 -1.11 7.18 6.19
CA SER A 29 -0.13 6.49 5.38
C SER A 29 0.30 5.18 6.04
N LEU A 30 0.14 4.07 5.30
CA LEU A 30 0.51 2.76 5.82
C LEU A 30 2.01 2.68 6.08
N LYS A 31 2.40 1.71 6.91
CA LYS A 31 3.81 1.52 7.24
C LYS A 31 4.48 0.60 6.23
N LYS A 32 5.54 1.11 5.60
CA LYS A 32 6.28 0.33 4.60
C LYS A 32 7.29 -0.60 5.29
N LYS A 33 7.16 -1.90 5.03
CA LYS A 33 8.06 -2.88 5.62
C LYS A 33 9.16 -3.27 4.63
N ASN A 34 10.39 -2.90 4.96
CA ASN A 34 11.53 -3.21 4.10
C ASN A 34 11.85 -4.70 4.13
N ASP A 35 12.07 -5.28 2.96
CA ASP A 35 12.38 -6.69 2.84
C ASP A 35 13.54 -6.92 1.87
N PRO A 36 14.44 -7.86 2.23
CA PRO A 36 15.60 -8.19 1.41
C PRO A 36 15.21 -8.90 0.11
N ASP A 37 14.37 -9.91 0.24
CA ASP A 37 13.92 -10.69 -0.91
C ASP A 37 13.06 -9.83 -1.84
N GLU A 38 12.30 -8.91 -1.25
CA GLU A 38 11.43 -8.03 -2.02
C GLU A 38 12.19 -6.78 -2.48
N VAL A 39 12.30 -6.62 -3.79
CA VAL A 39 13.00 -5.48 -4.36
C VAL A 39 12.03 -4.35 -4.70
N PHE A 40 10.99 -4.19 -3.88
CA PHE A 40 10.00 -3.16 -4.10
C PHE A 40 9.36 -2.73 -2.78
N SER A 41 8.49 -1.73 -2.85
CA SER A 41 7.81 -1.23 -1.66
C SER A 41 6.56 -2.05 -1.36
N VAL A 42 6.16 -2.05 -0.09
CA VAL A 42 4.98 -2.80 0.35
C VAL A 42 4.22 -2.04 1.43
N ARG A 43 2.95 -1.75 1.16
CA ARG A 43 2.11 -1.04 2.11
C ARG A 43 1.17 -1.99 2.84
N ILE A 44 1.36 -2.12 4.15
CA ILE A 44 0.53 -3.00 4.96
C ILE A 44 -0.38 -2.20 5.89
N CYS A 45 -1.68 -2.46 5.79
CA CYS A 45 -2.66 -1.77 6.63
C CYS A 45 -2.91 -2.53 7.93
N ALA A 46 -2.37 -2.01 9.03
CA ALA A 46 -2.53 -2.64 10.33
C ALA A 46 -3.95 -2.45 10.86
N ASP A 47 -4.65 -1.47 10.31
CA ASP A 47 -6.02 -1.18 10.72
C ASP A 47 -7.02 -2.06 9.97
N CYS A 48 -6.82 -2.16 8.66
CA CYS A 48 -7.70 -2.97 7.81
C CYS A 48 -7.32 -4.44 7.89
N GLY A 49 -6.04 -4.71 8.06
CA GLY A 49 -5.58 -6.09 8.16
C GLY A 49 -5.28 -6.69 6.79
N ARG A 50 -4.50 -5.98 5.99
CA ARG A 50 -4.15 -6.44 4.65
C ARG A 50 -2.80 -5.89 4.22
N GLU A 51 -2.31 -6.37 3.08
CA GLU A 51 -1.02 -5.91 2.55
C GLU A 51 -1.11 -5.66 1.06
N TRP A 52 -0.23 -4.79 0.55
CA TRP A 52 -0.22 -4.46 -0.87
C TRP A 52 1.20 -4.19 -1.35
N LYS A 53 1.49 -4.61 -2.58
CA LYS A 53 2.82 -4.42 -3.16
C LYS A 53 2.85 -3.18 -4.04
N GLU A 54 3.66 -2.20 -3.65
CA GLU A 54 3.78 -0.96 -4.41
C GLU A 54 5.10 -0.92 -5.18
N LEU A 55 5.01 -0.80 -6.50
CA LEU A 55 6.19 -0.75 -7.34
C LEU A 55 6.72 0.68 -7.46
N ARG A 56 8.04 0.82 -7.51
CA ARG A 56 8.67 2.13 -7.64
C ARG A 56 9.95 2.04 -8.46
#